data_3D37
#
_entry.id   3D37
#
_cell.length_a   137.460
_cell.length_b   137.460
_cell.length_c   137.460
_cell.angle_alpha   90.00
_cell.angle_beta   90.00
_cell.angle_gamma   90.00
#
_symmetry.space_group_name_H-M   'P 21 3'
#
loop_
_entity.id
_entity.type
_entity.pdbx_description
1 polymer 'Tail protein, 43 kDa'
2 non-polymer 'CHLORIDE ION'
3 water water
#
_entity_poly.entity_id   1
_entity_poly.type   'polypeptide(L)'
_entity_poly.pdbx_seq_one_letter_code
;MQNNSYGYAVSVRVGGKEHRHWERYDIDSDFLIPADSFDFVIGRLGPEAAIPDLSGESCEVVIDGQIVMTGIIGSQRHGK
SKGSRELSLSGRDLAGFLVDCSAPQLNVKGMTVLDAAKKLAAPWPQIKAVVLKAENNPALGKIDIEPGETVWQALTHIAN
SVGLHPWLEPDGTLVVGGADYSSPPVATLCWSRTDSRCNIERMDIEWDTDNRFSEVTFLAQSHGRSGDSAKHDLKWVYKD
PTMTLHRPKTVVVSDADNLAALQKQAKKQLADWRLEGFTLTITVGGHKTRDGVLWQPGLRVHVIDDEHGIDAVFFLMGRR
FMLSRMDGTQTELRLKEDGIWTPDAYPKKAEAARKRKGKRKGVSHKGKKGGKKQAETAVFE
;
_entity_poly.pdbx_strand_id   A,B
#
# COMPACT_ATOMS: atom_id res chain seq x y z
N TYR A 6 -16.72 -8.76 -0.56
CA TYR A 6 -15.23 -8.89 -0.40
C TYR A 6 -14.44 -7.58 -0.15
N GLY A 7 -15.09 -6.43 -0.45
CA GLY A 7 -14.63 -5.08 -0.04
C GLY A 7 -15.79 -4.43 0.72
N TYR A 8 -15.80 -3.11 0.85
CA TYR A 8 -16.90 -2.41 1.55
C TYR A 8 -18.14 -2.16 0.69
N ALA A 9 -19.32 -2.40 1.25
CA ALA A 9 -20.57 -1.95 0.67
C ALA A 9 -20.83 -0.53 1.19
N VAL A 10 -20.70 0.45 0.30
CA VAL A 10 -20.89 1.85 0.63
C VAL A 10 -22.11 2.30 -0.17
N SER A 11 -23.13 2.82 0.53
CA SER A 11 -24.29 3.36 -0.17
C SER A 11 -24.75 4.74 0.31
N VAL A 12 -25.50 5.41 -0.56
CA VAL A 12 -26.23 6.61 -0.24
C VAL A 12 -27.66 6.12 -0.20
N ARG A 13 -28.24 6.06 0.99
CA ARG A 13 -29.59 5.59 1.17
C ARG A 13 -30.55 6.78 1.07
N VAL A 14 -31.45 6.75 0.10
CA VAL A 14 -32.45 7.80 -0.08
C VAL A 14 -33.80 7.13 -0.34
N GLY A 15 -34.80 7.44 0.48
CA GLY A 15 -36.13 6.85 0.32
C GLY A 15 -36.01 5.33 0.29
N GLY A 16 -35.45 4.79 1.38
CA GLY A 16 -35.29 3.34 1.59
C GLY A 16 -34.42 2.66 0.57
N LYS A 17 -34.05 3.38 -0.46
CA LYS A 17 -33.41 2.85 -1.62
C LYS A 17 -31.90 3.07 -1.48
N GLU A 18 -31.14 2.02 -1.75
CA GLU A 18 -29.69 2.03 -1.63
C GLU A 18 -29.11 2.34 -2.97
N HIS A 19 -28.25 3.34 -3.03
CA HIS A 19 -27.44 3.58 -4.21
C HIS A 19 -26.00 3.24 -3.91
N ARG A 20 -25.50 2.31 -4.69
CA ARG A 20 -24.31 1.55 -4.42
C ARG A 20 -23.40 1.67 -5.66
N HIS A 21 -22.26 1.02 -5.65
CA HIS A 21 -21.49 0.86 -6.89
C HIS A 21 -20.79 2.15 -7.41
N TRP A 22 -20.22 2.92 -6.51
CA TRP A 22 -19.52 4.14 -6.85
C TRP A 22 -18.18 3.87 -7.45
N GLU A 23 -17.74 4.72 -8.36
CA GLU A 23 -16.36 4.67 -8.75
C GLU A 23 -15.44 5.49 -7.89
N ARG A 24 -15.95 6.60 -7.30
CA ARG A 24 -15.13 7.39 -6.41
C ARG A 24 -16.02 8.09 -5.34
N TYR A 25 -15.46 8.32 -4.17
CA TYR A 25 -16.15 9.11 -3.17
C TYR A 25 -15.16 9.73 -2.22
N ASP A 26 -15.67 10.72 -1.49
CA ASP A 26 -14.95 11.41 -0.44
C ASP A 26 -15.99 11.70 0.61
N ILE A 27 -15.77 11.23 1.84
CA ILE A 27 -16.68 11.44 2.96
C ILE A 27 -15.84 12.03 4.08
N ASP A 28 -16.07 13.31 4.38
CA ASP A 28 -15.23 14.08 5.23
C ASP A 28 -15.93 14.57 6.47
N SER A 29 -15.40 14.12 7.61
CA SER A 29 -15.84 14.57 8.95
C SER A 29 -14.70 15.20 9.75
N ASP A 30 -15.04 16.24 10.49
CA ASP A 30 -14.08 17.13 11.16
C ASP A 30 -14.74 17.85 12.33
N PHE A 31 -14.10 17.88 13.49
CA PHE A 31 -14.72 18.61 14.59
C PHE A 31 -14.81 20.13 14.39
N LEU A 32 -13.87 20.70 13.64
CA LEU A 32 -13.76 22.12 13.47
C LEU A 32 -14.45 22.63 12.23
N ILE A 33 -14.49 21.89 11.15
CA ILE A 33 -15.30 22.32 10.02
C ILE A 33 -16.78 22.03 10.38
N PRO A 34 -17.64 23.07 10.40
CA PRO A 34 -19.06 22.96 10.83
C PRO A 34 -19.86 21.79 10.21
N ALA A 35 -20.00 21.78 8.89
CA ALA A 35 -20.83 20.77 8.22
C ALA A 35 -19.94 19.73 7.56
N ASP A 36 -19.97 18.48 8.06
CA ASP A 36 -19.32 17.35 7.39
C ASP A 36 -19.96 17.20 6.00
N SER A 37 -19.20 16.64 5.05
CA SER A 37 -19.64 16.57 3.69
C SER A 37 -19.31 15.25 3.01
N PHE A 38 -19.99 15.06 1.91
CA PHE A 38 -19.84 13.89 1.13
C PHE A 38 -19.94 14.25 -0.35
N ASP A 39 -19.28 13.39 -1.13
CA ASP A 39 -19.18 13.48 -2.55
C ASP A 39 -19.02 12.09 -3.20
N PHE A 40 -19.94 11.73 -4.10
CA PHE A 40 -19.98 10.42 -4.77
C PHE A 40 -20.08 10.55 -6.30
N VAL A 41 -19.35 9.70 -7.03
CA VAL A 41 -19.39 9.64 -8.47
C VAL A 41 -19.47 8.17 -8.92
N ILE A 42 -20.38 7.87 -9.83
CA ILE A 42 -20.27 6.62 -10.60
C ILE A 42 -20.11 6.99 -12.09
N GLY A 43 -19.36 6.18 -12.83
CA GLY A 43 -19.05 6.47 -14.23
C GLY A 43 -19.14 5.29 -15.18
N ARG A 44 -20.37 4.83 -15.46
CA ARG A 44 -20.61 3.71 -16.38
C ARG A 44 -21.83 4.00 -17.24
N PRO A 52 -32.61 9.77 -11.96
CA PRO A 52 -33.54 10.34 -11.00
C PRO A 52 -32.94 11.57 -10.26
N ASP A 53 -33.69 12.67 -10.15
CA ASP A 53 -33.19 13.83 -9.37
C ASP A 53 -33.34 13.63 -7.84
N LEU A 54 -32.20 13.42 -7.17
CA LEU A 54 -32.15 13.23 -5.73
C LEU A 54 -31.73 14.50 -5.00
N SER A 55 -31.52 15.60 -5.73
CA SER A 55 -31.10 16.84 -5.09
C SER A 55 -32.19 17.31 -4.16
N GLY A 56 -31.77 17.74 -2.97
CA GLY A 56 -32.66 18.18 -1.95
C GLY A 56 -33.26 17.08 -1.13
N GLU A 57 -32.97 15.81 -1.44
CA GLU A 57 -33.47 14.66 -0.68
C GLU A 57 -32.62 14.39 0.57
N SER A 58 -33.27 13.88 1.61
CA SER A 58 -32.62 13.46 2.82
C SER A 58 -31.91 12.16 2.56
N CYS A 59 -30.73 11.98 3.15
CA CYS A 59 -29.98 10.74 2.90
C CYS A 59 -29.18 10.28 4.10
N GLU A 60 -28.72 9.06 4.01
CA GLU A 60 -27.77 8.50 4.95
C GLU A 60 -26.65 7.88 4.16
N VAL A 61 -25.42 8.05 4.66
CA VAL A 61 -24.30 7.45 4.03
C VAL A 61 -24.01 6.20 4.86
N VAL A 62 -23.88 5.05 4.22
CA VAL A 62 -23.80 3.79 4.98
C VAL A 62 -22.61 3.00 4.48
N ILE A 63 -21.81 2.51 5.41
CA ILE A 63 -20.70 1.61 5.09
C ILE A 63 -20.95 0.30 5.86
N ASP A 64 -21.06 -0.80 5.13
CA ASP A 64 -21.31 -2.16 5.69
C ASP A 64 -22.44 -2.10 6.68
N GLY A 65 -23.53 -1.46 6.27
CA GLY A 65 -24.74 -1.35 7.08
C GLY A 65 -24.64 -0.43 8.25
N GLN A 66 -23.51 0.26 8.40
CA GLN A 66 -23.44 1.24 9.49
C GLN A 66 -23.51 2.67 8.93
N ILE A 67 -24.46 3.42 9.46
CA ILE A 67 -24.63 4.80 9.04
C ILE A 67 -23.42 5.61 9.56
N VAL A 68 -22.75 6.33 8.65
CA VAL A 68 -21.60 7.17 9.00
C VAL A 68 -21.92 8.68 8.92
N MET A 69 -23.04 9.03 8.30
CA MET A 69 -23.45 10.43 8.14
C MET A 69 -24.91 10.49 7.76
N THR A 70 -25.60 11.49 8.31
CA THR A 70 -26.99 11.79 8.04
C THR A 70 -27.03 13.20 7.48
N GLY A 71 -27.63 13.40 6.32
CA GLY A 71 -27.63 14.71 5.69
C GLY A 71 -28.60 14.89 4.55
N ILE A 72 -28.25 15.80 3.65
CA ILE A 72 -29.13 16.24 2.59
C ILE A 72 -28.25 16.35 1.35
N ILE A 73 -28.75 15.80 0.25
CA ILE A 73 -28.11 15.95 -1.07
C ILE A 73 -28.33 17.42 -1.49
N GLY A 74 -27.23 18.14 -1.62
CA GLY A 74 -27.30 19.52 -2.00
C GLY A 74 -27.25 19.69 -3.49
N SER A 75 -26.58 18.81 -4.19
CA SER A 75 -26.40 18.97 -5.60
C SER A 75 -26.15 17.68 -6.33
N GLN A 76 -26.51 17.70 -7.60
CA GLN A 76 -26.38 16.54 -8.47
C GLN A 76 -25.95 16.96 -9.84
N ARG A 77 -25.03 16.21 -10.43
CA ARG A 77 -24.62 16.40 -11.80
C ARG A 77 -24.73 15.09 -12.64
N HIS A 78 -25.27 15.23 -13.84
CA HIS A 78 -25.11 14.20 -14.85
C HIS A 78 -24.34 14.73 -16.05
N GLY A 79 -23.31 14.00 -16.44
CA GLY A 79 -22.51 14.35 -17.58
C GLY A 79 -22.34 13.16 -18.49
N LYS A 80 -22.43 13.44 -19.79
CA LYS A 80 -22.38 12.47 -20.90
C LYS A 80 -21.48 13.04 -21.99
N SER A 81 -20.57 12.24 -22.50
CA SER A 81 -19.95 12.48 -23.80
C SER A 81 -19.86 11.11 -24.48
N LYS A 82 -19.28 11.01 -25.67
CA LYS A 82 -19.20 9.69 -26.35
C LYS A 82 -18.13 8.95 -25.59
N GLY A 83 -18.45 7.78 -25.10
CA GLY A 83 -17.52 7.09 -24.19
C GLY A 83 -17.68 7.22 -22.68
N SER A 84 -18.35 8.22 -22.14
CA SER A 84 -18.52 8.29 -20.66
C SER A 84 -19.82 8.89 -20.25
N ARG A 85 -20.38 8.40 -19.15
CA ARG A 85 -21.52 9.00 -18.45
C ARG A 85 -21.09 9.01 -17.01
N GLU A 86 -21.30 10.14 -16.34
CA GLU A 86 -20.91 10.31 -14.95
C GLU A 86 -22.07 10.95 -14.22
N LEU A 87 -22.52 10.30 -13.14
CA LEU A 87 -23.51 10.89 -12.25
C LEU A 87 -22.79 11.19 -10.94
N SER A 88 -22.91 12.43 -10.46
CA SER A 88 -22.38 12.78 -9.13
C SER A 88 -23.39 13.44 -8.23
N LEU A 89 -23.16 13.22 -6.94
CA LEU A 89 -23.99 13.74 -5.82
C LEU A 89 -23.06 14.36 -4.75
N SER A 90 -23.44 15.52 -4.23
CA SER A 90 -22.79 16.08 -3.06
C SER A 90 -23.80 16.54 -2.07
N GLY A 91 -23.30 16.69 -0.87
CA GLY A 91 -24.08 17.18 0.21
C GLY A 91 -23.32 17.37 1.48
N ARG A 92 -24.11 17.76 2.47
CA ARG A 92 -23.62 18.08 3.81
C ARG A 92 -24.46 17.36 4.84
N ASP A 93 -23.91 17.24 6.05
CA ASP A 93 -24.68 16.75 7.22
C ASP A 93 -25.72 17.79 7.70
N LEU A 94 -26.45 17.48 8.77
CA LEU A 94 -27.58 18.32 9.18
C LEU A 94 -27.14 19.66 9.75
N ALA A 95 -25.85 19.80 10.09
CA ALA A 95 -25.30 21.09 10.47
C ALA A 95 -25.42 22.08 9.35
N GLY A 96 -25.50 21.63 8.10
CA GLY A 96 -25.77 22.52 6.96
C GLY A 96 -26.96 23.47 7.15
N PHE A 97 -28.08 22.99 7.70
CA PHE A 97 -29.17 23.85 8.12
C PHE A 97 -28.75 24.97 9.11
N LEU A 98 -28.04 24.59 10.17
CA LEU A 98 -27.61 25.56 11.19
C LEU A 98 -26.57 26.55 10.64
N VAL A 99 -25.68 26.07 9.77
CA VAL A 99 -24.70 26.93 9.08
C VAL A 99 -25.33 27.93 8.14
N ASP A 100 -26.41 27.50 7.49
CA ASP A 100 -27.09 28.31 6.50
C ASP A 100 -28.09 29.28 7.15
N CYS A 101 -28.84 28.79 8.13
CA CYS A 101 -30.03 29.48 8.68
C CYS A 101 -29.69 30.40 9.85
N SER A 102 -30.64 31.22 10.24
CA SER A 102 -30.32 32.26 11.26
C SER A 102 -30.66 31.88 12.69
N ALA A 103 -29.77 32.28 13.61
CA ALA A 103 -30.03 32.07 15.02
C ALA A 103 -31.24 32.95 15.37
N PRO A 104 -32.08 32.50 16.32
CA PRO A 104 -32.99 33.42 17.03
C PRO A 104 -32.22 34.32 18.01
N GLN A 105 -32.91 35.27 18.64
CA GLN A 105 -32.24 36.04 19.69
C GLN A 105 -32.66 35.55 21.09
N LEU A 106 -32.24 34.30 21.32
CA LEU A 106 -32.30 33.61 22.59
C LEU A 106 -31.29 34.24 23.55
N ASN A 107 -31.68 34.39 24.83
CA ASN A 107 -30.77 34.73 25.89
C ASN A 107 -30.52 33.43 26.69
N VAL A 108 -29.26 33.06 26.97
CA VAL A 108 -28.95 31.69 27.46
C VAL A 108 -28.64 31.51 28.99
N LYS A 109 -28.70 32.61 29.69
CA LYS A 109 -28.10 32.74 31.00
C LYS A 109 -29.16 32.38 32.03
N GLY A 110 -28.87 31.51 33.01
CA GLY A 110 -28.09 30.34 32.94
C GLY A 110 -29.14 29.23 32.83
N MET A 111 -29.61 29.13 31.59
CA MET A 111 -29.86 27.87 30.89
C MET A 111 -28.53 27.11 30.84
N THR A 112 -28.60 25.85 31.26
CA THR A 112 -27.70 24.78 30.91
C THR A 112 -27.26 24.83 29.43
N VAL A 113 -26.04 24.31 29.14
CA VAL A 113 -25.52 24.33 27.76
C VAL A 113 -26.39 23.36 26.95
N LEU A 114 -26.80 22.23 27.55
CA LEU A 114 -27.60 21.22 26.86
C LEU A 114 -28.95 21.77 26.45
N ASP A 115 -29.54 22.65 27.29
CA ASP A 115 -30.85 23.28 27.01
C ASP A 115 -30.78 24.43 26.04
N ALA A 116 -29.76 25.27 26.11
CA ALA A 116 -29.54 26.27 25.05
C ALA A 116 -29.22 25.60 23.65
N ALA A 117 -28.63 24.40 23.66
CA ALA A 117 -28.39 23.68 22.37
C ALA A 117 -29.69 23.10 21.84
N LYS A 118 -30.46 22.46 22.74
CA LYS A 118 -31.78 21.88 22.43
C LYS A 118 -32.65 22.96 21.82
N LYS A 119 -32.59 24.15 22.40
CA LYS A 119 -33.42 25.26 21.94
C LYS A 119 -33.08 25.57 20.52
N LEU A 120 -31.82 25.87 20.27
CA LEU A 120 -31.32 26.31 18.93
C LEU A 120 -31.50 25.30 17.80
N ALA A 121 -31.51 24.02 18.13
CA ALA A 121 -31.75 22.94 17.15
C ALA A 121 -33.24 22.57 16.98
N ALA A 122 -34.09 23.09 17.88
CA ALA A 122 -35.54 22.81 17.88
C ALA A 122 -36.24 22.92 16.52
N PRO A 123 -36.04 24.04 15.77
CA PRO A 123 -36.64 24.19 14.42
C PRO A 123 -36.30 23.12 13.38
N TRP A 124 -35.29 22.29 13.65
CA TRP A 124 -34.91 21.26 12.73
C TRP A 124 -35.16 19.92 13.33
N PRO A 125 -36.44 19.47 13.26
CA PRO A 125 -36.81 18.22 13.91
C PRO A 125 -36.10 17.07 13.29
N GLN A 126 -35.62 17.30 12.07
CA GLN A 126 -34.66 16.43 11.40
C GLN A 126 -33.46 16.07 12.32
N ILE A 127 -33.03 17.02 13.16
CA ILE A 127 -32.10 16.73 14.27
C ILE A 127 -32.96 16.17 15.44
N LYS A 128 -32.92 14.85 15.60
CA LYS A 128 -33.87 14.15 16.46
C LYS A 128 -33.41 13.94 17.91
N ALA A 129 -32.15 14.24 18.24
CA ALA A 129 -31.69 14.28 19.63
C ALA A 129 -30.54 15.26 19.77
N VAL A 130 -30.49 15.91 20.94
CA VAL A 130 -29.35 16.74 21.33
C VAL A 130 -28.75 16.15 22.62
N VAL A 131 -27.45 15.93 22.63
CA VAL A 131 -26.75 15.21 23.68
C VAL A 131 -25.59 16.10 24.12
N LEU A 132 -25.19 15.92 25.39
CA LEU A 132 -24.05 16.65 25.96
C LEU A 132 -22.97 15.60 26.08
N LYS A 133 -21.80 15.93 25.54
CA LYS A 133 -20.68 14.99 25.54
C LYS A 133 -19.61 15.59 26.47
N ALA A 134 -19.99 15.64 27.75
CA ALA A 134 -19.19 16.34 28.77
C ALA A 134 -19.61 15.87 30.19
N GLU A 135 -18.71 16.03 31.16
CA GLU A 135 -18.97 15.55 32.51
C GLU A 135 -20.09 16.38 33.15
N ASN A 136 -19.99 17.68 32.95
CA ASN A 136 -20.83 18.66 33.58
C ASN A 136 -21.57 19.50 32.57
N ASN A 137 -22.72 19.99 32.98
CA ASN A 137 -23.68 20.62 32.11
C ASN A 137 -23.91 22.04 32.59
N PRO A 138 -22.91 22.90 32.34
CA PRO A 138 -22.85 24.18 33.04
C PRO A 138 -24.01 25.08 32.68
N ALA A 139 -24.51 25.79 33.71
CA ALA A 139 -25.33 26.98 33.51
C ALA A 139 -24.46 27.96 32.76
N LEU A 140 -25.00 28.53 31.70
CA LEU A 140 -24.29 29.45 30.82
C LEU A 140 -24.25 30.80 31.44
N GLY A 141 -23.22 31.56 31.09
CA GLY A 141 -23.10 32.95 31.48
C GLY A 141 -23.86 33.84 30.53
N LYS A 142 -23.38 35.07 30.37
CA LYS A 142 -23.96 36.03 29.44
C LYS A 142 -23.35 35.89 28.06
N ILE A 143 -24.12 35.41 27.09
CA ILE A 143 -23.60 35.27 25.72
C ILE A 143 -24.35 36.23 24.79
N ASP A 144 -23.62 37.24 24.31
CA ASP A 144 -24.13 38.30 23.45
C ASP A 144 -23.83 37.89 22.02
N ILE A 145 -24.88 37.52 21.28
CA ILE A 145 -24.77 37.13 19.87
C ILE A 145 -25.32 38.24 18.95
N GLU A 146 -24.70 38.45 17.78
CA GLU A 146 -25.17 39.49 16.84
C GLU A 146 -26.16 38.93 15.77
N PRO A 147 -27.18 39.73 15.35
CA PRO A 147 -28.43 39.18 14.74
C PRO A 147 -28.32 38.33 13.45
N GLY A 148 -27.41 38.71 12.54
CA GLY A 148 -27.11 37.86 11.38
C GLY A 148 -26.31 36.58 11.68
N GLU A 149 -26.11 36.26 12.96
CA GLU A 149 -25.39 35.03 13.31
C GLU A 149 -26.24 33.83 12.93
N THR A 150 -25.51 32.78 12.54
CA THR A 150 -26.09 31.59 12.07
C THR A 150 -26.35 30.82 13.33
N VAL A 151 -27.24 29.85 13.25
CA VAL A 151 -27.43 28.94 14.38
C VAL A 151 -26.08 28.31 14.83
N TRP A 152 -25.27 27.90 13.84
CA TRP A 152 -23.96 27.31 14.04
C TRP A 152 -22.99 28.23 14.79
N GLN A 153 -22.76 29.42 14.26
CA GLN A 153 -21.98 30.45 14.97
C GLN A 153 -22.40 30.64 16.40
N ALA A 154 -23.73 30.73 16.62
CA ALA A 154 -24.27 30.95 17.92
C ALA A 154 -24.01 29.75 18.80
N LEU A 155 -24.14 28.58 18.22
CA LEU A 155 -23.96 27.38 18.96
C LEU A 155 -22.46 27.21 19.38
N THR A 156 -21.57 27.66 18.49
CA THR A 156 -20.12 27.53 18.69
C THR A 156 -19.70 28.47 19.84
N HIS A 157 -20.15 29.71 19.76
CA HIS A 157 -20.02 30.74 20.83
C HIS A 157 -20.45 30.20 22.20
N ILE A 158 -21.70 29.80 22.29
CA ILE A 158 -22.23 29.24 23.51
C ILE A 158 -21.40 28.08 24.04
N ALA A 159 -21.16 27.11 23.15
CA ALA A 159 -20.43 25.90 23.46
C ALA A 159 -19.02 26.25 23.95
N ASN A 160 -18.38 27.17 23.25
CA ASN A 160 -16.98 27.47 23.44
C ASN A 160 -16.80 28.25 24.76
N SER A 161 -17.83 29.05 25.13
CA SER A 161 -17.89 29.74 26.42
C SER A 161 -17.66 28.84 27.61
N VAL A 162 -18.04 27.58 27.47
CA VAL A 162 -17.94 26.62 28.55
C VAL A 162 -16.92 25.56 28.18
N GLY A 163 -15.99 25.93 27.31
CA GLY A 163 -14.90 25.02 26.87
C GLY A 163 -15.41 23.79 26.13
N LEU A 164 -16.52 23.96 25.39
CA LEU A 164 -17.09 22.86 24.60
C LEU A 164 -17.17 23.24 23.12
N HIS A 165 -17.65 22.30 22.30
CA HIS A 165 -17.80 22.56 20.88
C HIS A 165 -18.96 21.74 20.34
N PRO A 166 -19.68 22.24 19.33
CA PRO A 166 -20.74 21.46 18.70
C PRO A 166 -20.28 20.58 17.54
N TRP A 167 -20.89 19.40 17.40
CA TRP A 167 -20.82 18.66 16.13
C TRP A 167 -22.01 17.78 15.98
N LEU A 168 -22.23 17.34 14.74
CA LEU A 168 -23.13 16.24 14.43
C LEU A 168 -22.45 14.89 14.44
N GLU A 169 -23.15 13.93 15.05
CA GLU A 169 -22.79 12.55 15.03
C GLU A 169 -23.36 11.87 13.81
N PRO A 170 -22.80 10.73 13.48
CA PRO A 170 -23.25 9.96 12.33
C PRO A 170 -24.76 9.75 12.16
N ASP A 171 -25.46 9.46 13.25
CA ASP A 171 -26.91 9.28 13.17
C ASP A 171 -27.73 10.56 13.17
N GLY A 172 -27.10 11.73 13.10
CA GLY A 172 -27.84 12.97 13.02
C GLY A 172 -28.09 13.69 14.37
N THR A 173 -27.58 13.13 15.46
CA THR A 173 -27.64 13.78 16.81
C THR A 173 -26.66 14.94 16.87
N LEU A 174 -27.13 16.09 17.35
CA LEU A 174 -26.29 17.21 17.63
C LEU A 174 -25.62 16.98 19.03
N VAL A 175 -24.30 17.13 19.09
CA VAL A 175 -23.56 16.98 20.34
C VAL A 175 -23.00 18.34 20.65
N VAL A 176 -23.07 18.77 21.93
CA VAL A 176 -22.18 19.84 22.45
C VAL A 176 -21.34 19.11 23.45
N GLY A 177 -20.03 19.29 23.34
CA GLY A 177 -19.12 18.46 24.08
C GLY A 177 -17.65 18.67 23.79
N GLY A 178 -16.86 17.67 24.11
CA GLY A 178 -15.43 17.74 23.95
C GLY A 178 -14.81 16.39 23.93
N ALA A 179 -13.48 16.38 23.89
CA ALA A 179 -12.74 15.13 23.80
C ALA A 179 -12.71 14.37 25.14
N ASP A 180 -12.76 13.05 25.03
CA ASP A 180 -12.46 12.19 26.15
C ASP A 180 -11.13 11.49 26.02
N TYR A 181 -10.14 11.96 26.77
CA TYR A 181 -8.80 11.42 26.75
C TYR A 181 -8.58 10.23 27.71
N SER A 182 -9.64 9.80 28.39
CA SER A 182 -9.62 8.59 29.21
C SER A 182 -9.78 7.35 28.33
N SER A 183 -10.50 7.48 27.22
CA SER A 183 -10.70 6.39 26.26
C SER A 183 -9.36 5.88 25.70
N PRO A 184 -9.06 4.57 25.89
CA PRO A 184 -7.82 3.99 25.39
C PRO A 184 -7.70 4.10 23.87
N PRO A 185 -6.48 4.27 23.36
CA PRO A 185 -6.35 4.39 21.90
C PRO A 185 -6.99 3.19 21.21
N VAL A 186 -7.57 3.35 20.02
CA VAL A 186 -8.34 2.27 19.41
C VAL A 186 -7.51 1.43 18.52
N ALA A 187 -6.31 1.92 18.21
CA ALA A 187 -5.45 1.32 17.21
C ALA A 187 -4.03 1.83 17.43
N THR A 188 -3.07 1.02 17.00
CA THR A 188 -1.69 1.37 16.85
C THR A 188 -1.34 1.25 15.38
N LEU A 189 -0.94 2.38 14.81
CA LEU A 189 -0.51 2.42 13.42
C LEU A 189 0.99 2.64 13.40
N CYS A 190 1.67 2.00 12.46
CA CYS A 190 3.11 2.13 12.37
C CYS A 190 3.58 2.22 10.92
N TRP A 191 4.72 2.90 10.78
CA TRP A 191 5.36 3.13 9.51
C TRP A 191 6.63 2.33 9.46
N SER A 192 6.82 1.58 8.38
CA SER A 192 8.09 0.89 8.15
C SER A 192 8.32 0.55 6.66
N ARG A 193 9.52 0.82 6.17
CA ARG A 193 9.91 0.42 4.81
C ARG A 193 10.35 -1.03 4.70
N THR A 194 10.45 -1.72 5.83
CA THR A 194 10.83 -3.14 5.85
C THR A 194 9.86 -4.03 6.64
N ASP A 195 9.16 -3.47 7.62
CA ASP A 195 8.15 -4.24 8.36
C ASP A 195 6.78 -4.19 7.62
N SER A 196 6.41 -5.36 7.06
CA SER A 196 5.15 -5.52 6.33
C SER A 196 3.91 -5.48 7.24
N ARG A 197 4.13 -5.71 8.54
CA ARG A 197 3.06 -5.59 9.52
C ARG A 197 2.63 -4.07 9.65
N CYS A 198 3.52 -3.16 9.23
CA CYS A 198 3.25 -1.74 9.30
C CYS A 198 2.50 -1.29 8.07
N ASN A 199 1.46 -0.57 8.35
CA ASN A 199 0.33 -0.43 7.50
C ASN A 199 0.10 1.02 7.00
N ILE A 200 0.82 1.99 7.55
CA ILE A 200 0.71 3.39 7.10
C ILE A 200 1.21 3.47 5.65
N GLU A 201 0.38 3.98 4.76
CA GLU A 201 0.72 4.18 3.35
C GLU A 201 1.40 5.53 3.04
N ARG A 202 1.06 6.53 3.84
CA ARG A 202 1.52 7.85 3.64
C ARG A 202 1.43 8.61 5.00
N MET A 203 2.51 9.30 5.33
CA MET A 203 2.62 10.10 6.56
C MET A 203 3.06 11.52 6.17
N ASP A 204 2.24 12.53 6.50
CA ASP A 204 2.57 13.94 6.28
C ASP A 204 2.51 14.72 7.60
N ILE A 205 3.60 15.39 7.95
CA ILE A 205 3.65 16.22 9.13
C ILE A 205 3.85 17.69 8.72
N GLU A 206 3.08 18.57 9.35
CA GLU A 206 3.17 19.99 9.15
C GLU A 206 3.29 20.74 10.45
N TRP A 207 4.28 21.61 10.49
CA TRP A 207 4.48 22.51 11.58
C TRP A 207 4.40 23.93 11.02
N ASP A 208 3.71 24.76 11.77
CA ASP A 208 3.42 26.12 11.36
C ASP A 208 3.52 27.02 12.59
N THR A 209 4.27 28.10 12.49
CA THR A 209 4.48 29.01 13.61
C THR A 209 3.72 30.35 13.47
N ASP A 210 2.74 30.38 12.58
CA ASP A 210 1.92 31.58 12.36
C ASP A 210 1.39 32.25 13.64
N ASN A 211 0.82 31.43 14.50
CA ASN A 211 0.08 31.89 15.64
C ASN A 211 0.80 31.50 16.92
N ARG A 212 2.12 31.48 16.84
CA ARG A 212 2.97 31.27 17.98
C ARG A 212 3.55 32.63 18.37
N PHE A 213 3.01 33.17 19.45
CA PHE A 213 3.32 34.50 19.87
C PHE A 213 4.24 34.47 21.09
N SER A 214 5.01 35.55 21.24
CA SER A 214 5.98 35.67 22.33
C SER A 214 5.31 36.06 23.66
N GLU A 215 4.56 37.16 23.65
CA GLU A 215 3.69 37.52 24.74
C GLU A 215 2.32 37.76 24.12
N VAL A 216 1.26 37.42 24.85
CA VAL A 216 -0.09 37.75 24.40
C VAL A 216 -0.80 38.39 25.55
N THR A 217 -1.26 39.60 25.34
CA THR A 217 -1.96 40.30 26.36
C THR A 217 -3.45 40.19 26.07
N PHE A 218 -4.17 39.61 27.03
CA PHE A 218 -5.62 39.41 26.93
C PHE A 218 -6.32 40.48 27.76
N LEU A 219 -7.33 41.12 27.17
CA LEU A 219 -8.04 42.23 27.80
C LEU A 219 -9.52 41.94 27.88
N ALA A 220 -10.15 42.37 28.97
CA ALA A 220 -11.60 42.34 29.06
C ALA A 220 -12.10 43.43 30.01
N GLN A 221 -13.36 43.79 29.83
CA GLN A 221 -13.99 44.80 30.65
C GLN A 221 -14.99 44.09 31.57
N SER A 222 -14.91 44.39 32.87
CA SER A 222 -15.78 43.82 33.94
C SER A 222 -17.28 44.07 33.80
N HIS A 223 -18.06 43.28 34.55
CA HIS A 223 -19.48 43.53 34.77
C HIS A 223 -19.74 44.93 35.33
N GLY A 224 -18.93 45.36 36.29
CA GLY A 224 -19.07 46.70 36.86
C GLY A 224 -17.86 47.18 37.61
N HIS A 232 -10.56 48.76 29.83
CA HIS A 232 -10.27 47.33 30.02
C HIS A 232 -9.60 47.10 31.38
N ASP A 233 -10.43 46.82 32.38
CA ASP A 233 -9.95 46.61 33.77
C ASP A 233 -9.45 45.18 34.01
N LEU A 234 -9.81 44.24 33.15
CA LEU A 234 -9.36 42.85 33.24
C LEU A 234 -8.24 42.58 32.23
N LYS A 235 -7.21 41.92 32.71
CA LYS A 235 -5.96 41.83 32.03
C LYS A 235 -5.21 40.61 32.59
N TRP A 236 -4.83 39.73 31.68
CA TRP A 236 -3.97 38.58 31.96
C TRP A 236 -3.00 38.47 30.79
N VAL A 237 -1.71 38.36 31.07
CA VAL A 237 -0.72 38.19 30.00
C VAL A 237 0.03 36.88 30.10
N TYR A 238 0.19 36.26 28.94
CA TYR A 238 0.82 34.99 28.80
C TYR A 238 2.18 35.27 28.17
N LYS A 239 3.18 34.49 28.55
CA LYS A 239 4.53 34.52 27.94
C LYS A 239 5.03 33.08 27.82
N ASP A 240 5.68 32.72 26.73
CA ASP A 240 6.53 31.51 26.74
C ASP A 240 7.98 31.97 26.75
N PRO A 241 8.72 31.69 27.84
CA PRO A 241 10.11 32.09 27.84
C PRO A 241 11.01 31.37 26.81
N THR A 242 10.46 30.44 26.02
CA THR A 242 11.22 29.81 24.93
C THR A 242 11.15 30.55 23.57
N MET A 243 10.24 31.53 23.44
CA MET A 243 10.21 32.48 22.30
C MET A 243 11.28 33.57 22.50
N THR A 244 12.29 33.60 21.62
CA THR A 244 13.24 34.71 21.61
C THR A 244 12.72 35.88 20.75
N LEU A 245 12.05 35.55 19.65
CA LEU A 245 11.55 36.54 18.69
C LEU A 245 10.42 37.38 19.26
N HIS A 246 10.49 38.68 19.05
CA HIS A 246 9.45 39.60 19.45
C HIS A 246 8.22 39.48 18.53
N ARG A 247 7.13 38.95 19.07
CA ARG A 247 5.91 38.78 18.31
C ARG A 247 4.69 38.93 19.21
N PRO A 248 4.43 40.16 19.70
CA PRO A 248 3.37 40.44 20.64
C PRO A 248 2.00 40.56 20.02
N LYS A 249 0.99 40.15 20.77
CA LYS A 249 -0.36 40.22 20.28
C LYS A 249 -1.23 40.67 21.44
N THR A 250 -2.27 41.41 21.13
CA THR A 250 -3.19 41.77 22.15
C THR A 250 -4.53 41.34 21.64
N VAL A 251 -5.32 40.69 22.50
CA VAL A 251 -6.64 40.17 22.13
C VAL A 251 -7.70 40.69 23.13
N VAL A 252 -8.83 41.21 22.63
CA VAL A 252 -9.96 41.54 23.49
C VAL A 252 -10.91 40.34 23.55
N VAL A 253 -11.21 39.90 24.78
CA VAL A 253 -12.10 38.78 25.04
C VAL A 253 -13.45 39.31 25.57
N SER A 254 -14.55 38.90 24.93
CA SER A 254 -15.91 39.19 25.43
C SER A 254 -16.59 37.93 25.97
N ASP A 257 -15.82 38.23 32.62
CA ASP A 257 -16.14 39.38 33.46
C ASP A 257 -15.42 39.37 34.80
N ASN A 258 -14.33 38.61 34.85
CA ASN A 258 -13.48 38.48 36.05
C ASN A 258 -12.17 37.80 35.60
N LEU A 259 -11.10 37.94 36.39
CA LEU A 259 -9.80 37.37 36.03
C LEU A 259 -9.86 35.85 35.78
N ALA A 260 -10.82 35.18 36.43
CA ALA A 260 -11.08 33.75 36.21
C ALA A 260 -11.67 33.43 34.83
N ALA A 261 -12.72 34.15 34.44
CA ALA A 261 -13.33 33.95 33.13
C ALA A 261 -12.42 34.44 31.99
N LEU A 262 -11.66 35.52 32.23
CA LEU A 262 -10.71 36.01 31.21
C LEU A 262 -9.63 34.96 30.96
N GLN A 263 -9.07 34.42 32.04
CA GLN A 263 -8.02 33.39 32.00
C GLN A 263 -8.47 32.07 31.36
N LYS A 264 -9.66 31.59 31.73
CA LYS A 264 -10.26 30.41 31.08
C LYS A 264 -10.34 30.56 29.55
N GLN A 265 -10.86 31.68 29.09
CA GLN A 265 -11.05 31.85 27.63
C GLN A 265 -9.78 32.15 26.84
N ALA A 266 -8.85 32.86 27.48
CA ALA A 266 -7.54 33.16 26.90
C ALA A 266 -6.84 31.85 26.67
N LYS A 267 -6.92 30.97 27.66
CA LYS A 267 -6.29 29.66 27.61
C LYS A 267 -6.89 28.78 26.53
N LYS A 268 -8.19 28.91 26.29
CA LYS A 268 -8.78 28.19 25.19
C LYS A 268 -8.22 28.73 23.88
N GLN A 269 -8.14 30.05 23.73
CA GLN A 269 -7.47 30.61 22.53
C GLN A 269 -6.01 30.11 22.34
N LEU A 270 -5.25 30.03 23.43
CA LEU A 270 -3.87 29.57 23.33
C LEU A 270 -3.86 28.13 22.88
N ALA A 271 -4.86 27.33 23.28
CA ALA A 271 -4.88 25.90 22.92
C ALA A 271 -5.29 25.73 21.48
N ASP A 272 -6.20 26.59 21.03
CA ASP A 272 -6.59 26.58 19.64
C ASP A 272 -5.41 26.92 18.74
N TRP A 273 -4.64 27.93 19.11
CA TRP A 273 -3.46 28.29 18.35
C TRP A 273 -2.43 27.15 18.34
N ARG A 274 -2.29 26.51 19.50
CA ARG A 274 -1.29 25.45 19.63
C ARG A 274 -1.66 24.28 18.71
N LEU A 275 -2.93 23.95 18.62
CA LEU A 275 -3.41 22.90 17.71
C LEU A 275 -3.15 23.23 16.25
N GLU A 276 -3.35 24.49 15.89
CA GLU A 276 -3.10 24.94 14.51
C GLU A 276 -1.66 24.77 14.08
N GLY A 277 -0.74 24.74 15.03
CA GLY A 277 0.66 24.68 14.76
C GLY A 277 1.19 23.33 14.36
N PHE A 278 0.42 22.25 14.56
CA PHE A 278 0.95 20.90 14.25
C PHE A 278 -0.18 20.02 13.73
N THR A 279 0.07 19.36 12.61
CA THR A 279 -0.87 18.35 12.07
C THR A 279 -0.06 17.15 11.57
N LEU A 280 -0.50 15.96 11.99
CA LEU A 280 -0.02 14.68 11.47
C LEU A 280 -1.15 14.08 10.66
N THR A 281 -0.96 13.96 9.35
CA THR A 281 -1.93 13.34 8.43
C THR A 281 -1.45 11.97 7.99
N ILE A 282 -2.15 10.92 8.44
CA ILE A 282 -1.81 9.55 8.05
C ILE A 282 -2.83 9.00 7.08
N THR A 283 -2.36 8.37 6.01
CA THR A 283 -3.22 7.68 5.11
C THR A 283 -3.05 6.13 5.28
N VAL A 284 -4.19 5.43 5.43
CA VAL A 284 -4.28 3.99 5.60
C VAL A 284 -5.19 3.39 4.56
N GLY A 285 -4.98 2.10 4.27
CA GLY A 285 -5.85 1.41 3.32
C GLY A 285 -7.08 1.00 4.14
N GLY A 286 -8.22 0.85 3.50
CA GLY A 286 -9.49 0.51 4.22
C GLY A 286 -10.13 1.71 4.92
N HIS A 287 -11.21 1.40 5.63
CA HIS A 287 -11.99 2.31 6.42
C HIS A 287 -12.17 1.92 7.90
N LYS A 288 -11.65 0.74 8.28
CA LYS A 288 -11.81 0.20 9.64
C LYS A 288 -10.48 -0.13 10.27
N THR A 289 -10.39 0.04 11.56
CA THR A 289 -9.33 -0.58 12.32
C THR A 289 -9.39 -2.12 12.23
N ARG A 290 -8.29 -2.74 12.63
CA ARG A 290 -8.21 -4.19 12.72
C ARG A 290 -9.35 -4.82 13.54
N ASP A 291 -9.83 -4.14 14.56
CA ASP A 291 -10.95 -4.65 15.35
C ASP A 291 -12.30 -4.11 14.91
N GLY A 292 -12.37 -3.66 13.66
CA GLY A 292 -13.65 -3.45 13.02
C GLY A 292 -14.31 -2.14 13.29
N VAL A 293 -13.55 -1.17 13.81
CA VAL A 293 -14.12 0.17 14.15
C VAL A 293 -13.89 1.12 12.94
N LEU A 294 -14.97 1.70 12.43
CA LEU A 294 -14.90 2.78 11.47
C LEU A 294 -14.16 3.99 12.02
N TRP A 295 -13.12 4.45 11.31
CA TRP A 295 -12.39 5.65 11.69
C TRP A 295 -13.41 6.80 11.80
N GLN A 296 -13.30 7.57 12.86
CA GLN A 296 -14.26 8.60 13.21
C GLN A 296 -13.56 9.59 14.12
N PRO A 297 -13.80 10.91 13.90
CA PRO A 297 -13.17 11.88 14.83
C PRO A 297 -13.52 11.60 16.28
N GLY A 298 -12.58 11.82 17.23
CA GLY A 298 -12.83 11.54 18.64
C GLY A 298 -12.10 10.32 19.15
N LEU A 299 -11.65 9.49 18.23
CA LEU A 299 -10.72 8.39 18.53
C LEU A 299 -9.28 8.86 18.80
N ARG A 300 -8.57 8.10 19.62
CA ARG A 300 -7.14 8.34 19.86
C ARG A 300 -6.40 7.18 19.22
N VAL A 301 -5.24 7.50 18.61
CA VAL A 301 -4.49 6.59 17.80
C VAL A 301 -3.02 6.63 18.26
N HIS A 302 -2.51 5.45 18.61
CA HIS A 302 -1.10 5.32 18.93
C HIS A 302 -0.33 5.19 17.63
N VAL A 303 0.64 6.07 17.42
CA VAL A 303 1.45 6.04 16.18
C VAL A 303 2.91 5.75 16.47
N ILE A 304 3.48 4.79 15.72
CA ILE A 304 4.91 4.48 15.79
C ILE A 304 5.61 4.66 14.43
N ASP A 305 6.64 5.48 14.43
CA ASP A 305 7.52 5.60 13.27
C ASP A 305 8.94 5.59 13.82
N ASP A 306 9.56 4.41 13.80
CA ASP A 306 10.96 4.28 14.25
C ASP A 306 11.94 5.15 13.47
N GLU A 307 11.79 5.20 12.15
CA GLU A 307 12.63 6.09 11.30
C GLU A 307 12.65 7.52 11.84
N HIS A 308 11.47 8.05 12.14
CA HIS A 308 11.31 9.43 12.59
C HIS A 308 11.47 9.61 14.12
N GLY A 309 11.51 8.54 14.88
CA GLY A 309 11.52 8.65 16.33
C GLY A 309 10.19 8.99 16.93
N ILE A 310 9.08 8.75 16.25
CA ILE A 310 7.76 8.96 16.86
C ILE A 310 7.23 7.70 17.54
N ASP A 311 6.77 7.85 18.76
CA ASP A 311 6.01 6.82 19.46
C ASP A 311 5.15 7.57 20.47
N ALA A 312 3.90 7.87 20.09
CA ALA A 312 3.00 8.70 20.89
C ALA A 312 1.56 8.48 20.48
N VAL A 313 0.67 8.98 21.30
CA VAL A 313 -0.75 8.92 21.05
C VAL A 313 -1.17 10.33 20.54
N PHE A 314 -2.02 10.29 19.53
CA PHE A 314 -2.59 11.44 18.89
C PHE A 314 -4.12 11.32 18.89
N PHE A 315 -4.74 12.49 18.82
CA PHE A 315 -6.18 12.68 18.82
C PHE A 315 -6.70 12.95 17.40
N LEU A 316 -7.67 12.15 16.99
CA LEU A 316 -8.21 12.22 15.65
C LEU A 316 -9.28 13.30 15.53
N MET A 317 -8.96 14.33 14.78
CA MET A 317 -9.78 15.57 14.75
C MET A 317 -10.61 15.59 13.48
N GLY A 318 -10.12 14.92 12.46
CA GLY A 318 -10.73 14.86 11.15
C GLY A 318 -10.41 13.58 10.42
N ARG A 319 -11.34 13.12 9.59
CA ARG A 319 -11.12 11.96 8.81
C ARG A 319 -11.90 11.91 7.53
N ARG A 320 -11.25 11.38 6.52
CA ARG A 320 -11.82 11.31 5.18
C ARG A 320 -11.74 9.90 4.64
N PHE A 321 -12.91 9.27 4.46
CA PHE A 321 -13.09 8.06 3.71
C PHE A 321 -13.03 8.39 2.21
N MET A 322 -12.19 7.66 1.51
CA MET A 322 -11.90 7.90 0.13
C MET A 322 -11.92 6.59 -0.70
N LEU A 323 -12.44 6.69 -1.91
CA LEU A 323 -12.28 5.68 -2.95
C LEU A 323 -11.85 6.41 -4.21
N SER A 324 -10.83 5.88 -4.86
CA SER A 324 -10.43 6.28 -6.20
C SER A 324 -10.08 5.07 -7.02
N ARG A 325 -10.11 5.24 -8.35
CA ARG A 325 -9.64 4.19 -9.25
C ARG A 325 -8.15 3.95 -9.04
N MET A 326 -7.39 5.01 -8.85
CA MET A 326 -5.95 4.87 -8.72
C MET A 326 -5.52 4.21 -7.41
N ASP A 327 -6.13 4.61 -6.29
CA ASP A 327 -5.68 4.18 -4.97
C ASP A 327 -6.67 3.26 -4.25
N GLY A 328 -7.80 2.87 -4.84
CA GLY A 328 -8.81 2.12 -4.11
C GLY A 328 -9.33 2.81 -2.83
N THR A 329 -9.56 1.98 -1.82
CA THR A 329 -10.19 2.36 -0.55
C THR A 329 -9.16 2.78 0.49
N GLN A 330 -9.26 4.00 0.98
CA GLN A 330 -8.40 4.52 2.01
C GLN A 330 -9.11 5.45 2.98
N THR A 331 -8.42 5.79 4.07
CA THR A 331 -8.83 6.76 5.01
C THR A 331 -7.65 7.71 5.26
N GLU A 332 -7.95 9.00 5.15
CA GLU A 332 -7.04 10.03 5.66
C GLU A 332 -7.41 10.38 7.05
N LEU A 333 -6.41 10.32 7.91
CA LEU A 333 -6.57 10.55 9.33
C LEU A 333 -5.82 11.83 9.73
N ARG A 334 -6.55 12.86 10.11
CA ARG A 334 -5.96 14.15 10.48
C ARG A 334 -5.84 14.18 11.98
N LEU A 335 -4.61 13.98 12.43
CA LEU A 335 -4.27 13.76 13.81
C LEU A 335 -3.61 14.98 14.44
N LYS A 336 -3.92 15.20 15.72
CA LYS A 336 -3.46 16.34 16.46
C LYS A 336 -2.82 15.88 17.75
N GLU A 337 -1.97 16.74 18.31
CA GLU A 337 -1.43 16.55 19.64
C GLU A 337 -2.53 16.14 20.62
N ASP A 338 -2.22 15.13 21.43
CA ASP A 338 -3.14 14.61 22.45
C ASP A 338 -3.35 15.52 23.65
N GLY A 339 -4.58 15.54 24.17
CA GLY A 339 -4.89 16.20 25.42
C GLY A 339 -5.09 17.71 25.33
N ILE A 340 -5.01 18.30 24.15
CA ILE A 340 -5.01 19.77 24.00
C ILE A 340 -6.41 20.37 23.76
N TRP A 341 -7.21 19.74 22.89
CA TRP A 341 -8.54 20.23 22.49
C TRP A 341 -9.57 20.00 23.61
N THR A 342 -10.45 20.97 23.85
CA THR A 342 -11.54 20.88 24.85
C THR A 342 -11.21 20.01 26.08
N PRO A 343 -10.16 20.40 26.85
CA PRO A 343 -9.69 19.58 27.99
C PRO A 343 -10.66 19.56 29.19
N ASP A 344 -11.54 20.55 29.30
CA ASP A 344 -12.50 20.58 30.40
C ASP A 344 -13.64 19.58 30.26
N ALA A 345 -13.88 19.08 29.05
CA ALA A 345 -15.11 18.32 28.83
C ALA A 345 -15.16 17.10 29.75
N TYR A 346 -14.03 16.45 29.94
CA TYR A 346 -13.94 15.29 30.82
C TYR A 346 -12.63 15.38 31.60
N PRO A 347 -12.55 16.20 32.66
CA PRO A 347 -11.25 16.31 33.36
C PRO A 347 -10.73 14.93 33.87
N TYR B 6 17.19 1.59 8.20
CA TYR B 6 15.69 1.61 8.17
C TYR B 6 15.04 1.24 6.81
N GLY B 7 15.87 0.98 5.81
CA GLY B 7 15.38 0.42 4.55
C GLY B 7 16.10 -0.88 4.25
N TYR B 8 15.99 -1.33 3.01
CA TYR B 8 16.81 -2.49 2.54
C TYR B 8 18.24 -2.06 2.29
N ALA B 9 19.19 -2.79 2.86
CA ALA B 9 20.57 -2.60 2.48
C ALA B 9 20.79 -3.31 1.10
N VAL B 10 20.75 -2.54 0.00
CA VAL B 10 20.96 -3.09 -1.35
C VAL B 10 22.36 -2.68 -1.73
N SER B 11 23.25 -3.68 -1.55
CA SER B 11 24.68 -3.45 -1.42
C SER B 11 25.27 -4.14 -2.63
N VAL B 12 25.72 -3.32 -3.55
CA VAL B 12 26.43 -3.76 -4.73
C VAL B 12 27.98 -3.54 -4.55
N ARG B 13 28.79 -4.44 -5.13
CA ARG B 13 30.25 -4.51 -4.96
C ARG B 13 30.94 -4.59 -6.35
N VAL B 14 31.70 -3.56 -6.70
CA VAL B 14 32.49 -3.53 -7.91
C VAL B 14 33.92 -3.08 -7.60
N GLY B 15 34.89 -3.92 -7.91
CA GLY B 15 36.31 -3.59 -7.69
C GLY B 15 36.60 -3.25 -6.25
N GLY B 16 35.95 -3.99 -5.36
CA GLY B 16 36.03 -3.68 -3.93
C GLY B 16 35.52 -2.32 -3.49
N LYS B 17 34.67 -1.67 -4.27
CA LYS B 17 33.91 -0.51 -3.82
C LYS B 17 32.49 -0.99 -3.63
N GLU B 18 31.82 -0.52 -2.59
CA GLU B 18 30.49 -0.97 -2.32
C GLU B 18 29.62 0.21 -2.53
N HIS B 19 28.47 0.00 -3.13
CA HIS B 19 27.51 1.06 -3.41
C HIS B 19 26.20 0.58 -2.73
N ARG B 20 25.45 1.47 -2.08
CA ARG B 20 24.29 1.11 -1.23
C ARG B 20 23.02 2.01 -1.46
N HIS B 21 23.14 3.01 -2.34
CA HIS B 21 22.13 4.08 -2.45
C HIS B 21 21.76 4.35 -3.91
N TRP B 22 20.50 4.08 -4.27
CA TRP B 22 20.01 4.02 -5.66
C TRP B 22 18.72 4.81 -5.80
N GLU B 23 18.49 5.39 -6.98
CA GLU B 23 17.21 5.98 -7.34
C GLU B 23 16.27 4.89 -7.81
N ARG B 24 16.81 3.92 -8.59
CA ARG B 24 16.00 2.72 -8.89
C ARG B 24 16.85 1.55 -9.32
N TYR B 25 16.24 0.37 -9.35
CA TYR B 25 16.91 -0.81 -9.90
C TYR B 25 15.87 -1.83 -10.31
N ASP B 26 16.32 -2.74 -11.17
CA ASP B 26 15.64 -4.00 -11.49
C ASP B 26 16.66 -5.10 -11.51
N ILE B 27 16.41 -6.10 -10.68
CA ILE B 27 17.26 -7.27 -10.54
C ILE B 27 16.39 -8.46 -10.85
N ASP B 28 16.60 -9.10 -12.01
CA ASP B 28 15.69 -10.16 -12.48
C ASP B 28 16.37 -11.56 -12.64
N SER B 29 15.85 -12.54 -11.94
CA SER B 29 16.30 -13.93 -12.01
C SER B 29 15.16 -14.86 -12.47
N ASP B 30 15.51 -15.83 -13.31
CA ASP B 30 14.52 -16.68 -13.99
C ASP B 30 15.16 -18.03 -14.43
N PHE B 31 14.47 -19.13 -14.17
CA PHE B 31 15.01 -20.44 -14.49
C PHE B 31 15.16 -20.63 -16.04
N LEU B 32 14.24 -20.02 -16.81
CA LEU B 32 14.16 -20.26 -18.24
C LEU B 32 14.91 -19.22 -19.06
N ILE B 33 15.04 -17.99 -18.62
CA ILE B 33 15.82 -17.00 -19.36
C ILE B 33 17.30 -17.23 -19.01
N PRO B 34 18.15 -17.51 -20.04
CA PRO B 34 19.54 -17.94 -19.76
C PRO B 34 20.32 -17.10 -18.76
N ALA B 35 20.47 -15.83 -19.02
CA ALA B 35 21.33 -14.99 -18.17
C ALA B 35 20.46 -14.04 -17.37
N ASP B 36 20.44 -14.19 -16.06
CA ASP B 36 19.81 -13.19 -15.21
C ASP B 36 20.48 -11.82 -15.36
N SER B 37 19.77 -10.79 -14.97
CA SER B 37 20.24 -9.47 -15.30
C SER B 37 19.99 -8.45 -14.20
N PHE B 38 20.74 -7.39 -14.26
CA PHE B 38 20.49 -6.28 -13.36
C PHE B 38 20.61 -4.95 -14.02
N ASP B 39 19.95 -3.97 -13.41
CA ASP B 39 20.05 -2.62 -13.89
C ASP B 39 19.92 -1.69 -12.68
N PHE B 40 20.87 -0.76 -12.53
CA PHE B 40 20.91 0.16 -11.42
C PHE B 40 21.04 1.58 -11.88
N VAL B 41 20.34 2.46 -11.19
CA VAL B 41 20.52 3.89 -11.43
C VAL B 41 20.91 4.57 -10.10
N ILE B 42 22.05 5.27 -10.11
CA ILE B 42 22.33 6.32 -9.11
C ILE B 42 21.70 7.68 -9.55
N PRO B 52 33.60 7.44 -13.31
CA PRO B 52 34.49 6.28 -13.30
C PRO B 52 33.95 5.10 -14.18
N ASP B 53 34.71 4.63 -15.16
CA ASP B 53 34.20 3.60 -16.07
C ASP B 53 34.26 2.19 -15.48
N LEU B 54 33.11 1.70 -15.00
CA LEU B 54 32.98 0.36 -14.41
C LEU B 54 32.62 -0.77 -15.41
N SER B 55 32.47 -0.45 -16.70
CA SER B 55 31.96 -1.45 -17.64
C SER B 55 33.03 -2.51 -17.88
N GLY B 56 32.60 -3.76 -17.91
CA GLY B 56 33.52 -4.88 -17.99
C GLY B 56 33.97 -5.40 -16.65
N GLU B 57 33.67 -4.69 -15.55
CA GLU B 57 34.02 -5.11 -14.20
C GLU B 57 33.09 -6.16 -13.60
N SER B 58 33.68 -7.06 -12.82
CA SER B 58 32.91 -8.03 -12.07
C SER B 58 32.19 -7.33 -10.96
N CYS B 59 31.06 -7.86 -10.56
CA CYS B 59 30.32 -7.25 -9.50
C CYS B 59 29.36 -8.19 -8.81
N GLU B 60 28.98 -7.86 -7.59
CA GLU B 60 28.07 -8.70 -6.83
C GLU B 60 26.98 -7.85 -6.26
N VAL B 61 25.82 -8.48 -6.00
CA VAL B 61 24.58 -7.84 -5.53
C VAL B 61 24.17 -8.58 -4.32
N VAL B 62 24.17 -7.86 -3.18
CA VAL B 62 23.62 -8.39 -1.93
C VAL B 62 22.55 -7.44 -1.37
N ILE B 63 21.67 -8.07 -0.62
CA ILE B 63 20.54 -7.42 -0.03
C ILE B 63 20.48 -8.00 1.38
N ASP B 64 20.70 -7.10 2.36
CA ASP B 64 20.64 -7.43 3.79
C ASP B 64 21.36 -8.74 4.21
N GLY B 65 22.62 -8.81 3.84
CA GLY B 65 23.45 -9.97 4.21
C GLY B 65 23.34 -11.23 3.35
N GLN B 66 22.48 -11.28 2.33
CA GLN B 66 22.37 -12.49 1.52
C GLN B 66 22.74 -12.18 0.06
N ILE B 67 23.71 -12.94 -0.49
CA ILE B 67 24.17 -12.77 -1.93
C ILE B 67 22.98 -12.99 -2.83
N VAL B 68 22.88 -12.13 -3.83
CA VAL B 68 21.69 -12.17 -4.73
C VAL B 68 22.06 -12.39 -6.24
N MET B 69 23.19 -11.87 -6.71
CA MET B 69 23.67 -12.10 -8.07
C MET B 69 25.17 -11.79 -8.14
N THR B 70 25.82 -12.58 -8.96
CA THR B 70 27.26 -12.49 -9.28
C THR B 70 27.36 -12.26 -10.79
N GLY B 71 27.90 -11.11 -11.22
CA GLY B 71 28.02 -10.92 -12.65
C GLY B 71 29.06 -9.97 -13.09
N ILE B 72 28.78 -9.38 -14.26
CA ILE B 72 29.74 -8.51 -14.91
C ILE B 72 28.91 -7.34 -15.41
N ILE B 73 29.36 -6.13 -15.11
CA ILE B 73 28.78 -4.91 -15.67
C ILE B 73 29.00 -4.89 -17.18
N GLY B 74 27.94 -4.97 -17.96
CA GLY B 74 28.05 -4.96 -19.41
C GLY B 74 28.12 -3.58 -20.02
N SER B 75 27.46 -2.63 -19.39
CA SER B 75 27.28 -1.30 -19.94
C SER B 75 27.01 -0.28 -18.84
N GLN B 76 27.48 0.94 -19.11
CA GLN B 76 27.35 2.04 -18.20
C GLN B 76 26.90 3.22 -18.99
N ARG B 77 26.05 4.04 -18.39
CA ARG B 77 25.62 5.27 -19.02
C ARG B 77 25.69 6.42 -18.01
N HIS B 78 26.28 7.52 -18.43
CA HIS B 78 26.19 8.75 -17.68
C HIS B 78 25.41 9.79 -18.48
N GLY B 79 24.25 10.18 -17.97
CA GLY B 79 23.41 11.20 -18.61
C GLY B 79 23.24 12.46 -17.76
N LYS B 80 23.31 13.62 -18.40
CA LYS B 80 22.93 14.85 -17.74
C LYS B 80 22.34 15.96 -18.61
N SER B 81 21.41 16.68 -17.99
CA SER B 81 20.86 17.90 -18.51
C SER B 81 20.96 18.96 -17.41
N LYS B 82 20.46 20.17 -17.71
CA LYS B 82 20.49 21.28 -16.77
C LYS B 82 19.88 20.86 -15.40
N GLY B 83 18.70 20.30 -15.37
CA GLY B 83 18.15 19.90 -14.06
C GLY B 83 18.51 18.54 -13.44
N SER B 84 19.14 17.64 -14.20
CA SER B 84 19.38 16.30 -13.68
C SER B 84 20.61 15.64 -14.23
N ARG B 85 21.07 14.64 -13.49
CA ARG B 85 22.33 13.94 -13.75
C ARG B 85 22.04 12.46 -13.34
N GLU B 86 22.25 11.48 -14.24
CA GLU B 86 22.18 10.08 -13.73
C GLU B 86 23.15 9.09 -14.36
N LEU B 87 23.55 8.14 -13.52
CA LEU B 87 24.56 7.18 -13.82
C LEU B 87 23.84 5.87 -13.75
N SER B 88 23.90 5.10 -14.83
CA SER B 88 23.31 3.76 -14.79
C SER B 88 24.36 2.70 -15.13
N LEU B 89 24.16 1.53 -14.53
CA LEU B 89 24.95 0.32 -14.73
C LEU B 89 23.99 -0.84 -15.00
N SER B 90 24.31 -1.65 -16.00
CA SER B 90 23.60 -2.88 -16.16
C SER B 90 24.52 -4.03 -16.51
N GLY B 91 23.99 -5.23 -16.37
CA GLY B 91 24.71 -6.41 -16.71
C GLY B 91 23.89 -7.65 -16.53
N ARG B 92 24.61 -8.77 -16.63
CA ARG B 92 24.10 -10.08 -16.52
C ARG B 92 24.95 -10.90 -15.57
N ASP B 93 24.38 -11.98 -15.08
CA ASP B 93 25.12 -12.96 -14.33
C ASP B 93 26.18 -13.66 -15.23
N LEU B 94 26.89 -14.63 -14.68
CA LEU B 94 28.00 -15.28 -15.35
C LEU B 94 27.59 -16.20 -16.52
N ALA B 95 26.30 -16.57 -16.62
CA ALA B 95 25.80 -17.22 -17.87
C ALA B 95 26.02 -16.35 -19.08
N GLY B 96 26.25 -15.03 -18.90
CA GLY B 96 26.48 -14.11 -20.02
C GLY B 96 27.63 -14.56 -20.91
N PHE B 97 28.65 -15.09 -20.28
CA PHE B 97 29.78 -15.68 -20.97
C PHE B 97 29.40 -16.85 -21.85
N LEU B 98 28.55 -17.74 -21.31
CA LEU B 98 28.26 -18.99 -21.96
C LEU B 98 27.18 -18.76 -23.03
N VAL B 99 26.34 -17.75 -22.78
CA VAL B 99 25.37 -17.24 -23.74
C VAL B 99 26.09 -16.63 -24.95
N ASP B 100 27.16 -15.89 -24.74
CA ASP B 100 27.81 -15.17 -25.84
C ASP B 100 28.75 -16.06 -26.65
N CYS B 101 29.40 -17.03 -26.00
CA CYS B 101 30.56 -17.68 -26.60
C CYS B 101 30.16 -19.00 -27.26
N SER B 102 30.94 -19.40 -28.27
CA SER B 102 30.74 -20.65 -29.05
C SER B 102 31.05 -21.88 -28.25
N ALA B 103 30.18 -22.87 -28.37
CA ALA B 103 30.44 -24.14 -27.71
C ALA B 103 31.52 -24.76 -28.58
N PRO B 104 32.47 -25.48 -27.95
CA PRO B 104 33.49 -26.28 -28.63
C PRO B 104 32.87 -27.58 -29.20
N GLN B 105 33.64 -28.31 -29.98
CA GLN B 105 33.20 -29.62 -30.43
C GLN B 105 33.49 -30.51 -29.24
N LEU B 106 32.43 -31.03 -28.65
CA LEU B 106 32.58 -31.86 -27.45
C LEU B 106 31.74 -33.10 -27.68
N ASN B 107 32.35 -34.27 -27.51
CA ASN B 107 31.58 -35.50 -27.44
C ASN B 107 31.32 -35.80 -25.99
N VAL B 108 30.06 -35.64 -25.61
CA VAL B 108 29.61 -35.86 -24.24
C VAL B 108 29.06 -37.27 -24.00
N LYS B 109 28.93 -38.06 -25.05
CA LYS B 109 28.48 -39.45 -24.87
C LYS B 109 29.29 -40.24 -23.84
N GLY B 110 28.58 -40.78 -22.85
CA GLY B 110 29.18 -41.57 -21.77
C GLY B 110 29.59 -40.74 -20.60
N MET B 111 29.75 -39.45 -20.85
CA MET B 111 29.97 -38.51 -19.80
C MET B 111 28.69 -38.38 -18.97
N THR B 112 28.90 -38.22 -17.69
CA THR B 112 28.01 -37.70 -16.65
C THR B 112 27.58 -36.28 -16.97
N VAL B 113 26.27 -35.97 -16.77
CA VAL B 113 25.75 -34.67 -17.05
C VAL B 113 26.55 -33.64 -16.24
N LEU B 114 26.91 -33.94 -14.99
CA LEU B 114 27.67 -32.96 -14.19
C LEU B 114 29.07 -32.75 -14.81
N ASP B 115 29.72 -33.83 -15.20
CA ASP B 115 31.05 -33.70 -15.83
C ASP B 115 31.00 -32.88 -17.15
N ALA B 116 30.07 -33.20 -18.04
CA ALA B 116 29.83 -32.43 -19.26
C ALA B 116 29.58 -30.90 -18.96
N ALA B 117 28.79 -30.58 -17.91
CA ALA B 117 28.56 -29.20 -17.53
C ALA B 117 29.84 -28.55 -17.05
N LYS B 118 30.60 -29.29 -16.24
CA LYS B 118 31.89 -28.81 -15.72
C LYS B 118 32.83 -28.48 -16.86
N LYS B 119 32.88 -29.35 -17.86
CA LYS B 119 33.77 -29.21 -19.00
C LYS B 119 33.37 -27.99 -19.86
N LEU B 120 32.07 -27.85 -20.11
CA LEU B 120 31.54 -26.70 -20.85
C LEU B 120 31.81 -25.35 -20.16
N ALA B 121 31.82 -25.35 -18.83
CA ALA B 121 32.05 -24.14 -18.04
C ALA B 121 33.52 -23.86 -17.74
N ALA B 122 34.41 -24.85 -17.97
CA ALA B 122 35.80 -24.85 -17.58
C ALA B 122 36.56 -23.58 -18.02
N PRO B 123 36.37 -23.12 -19.27
CA PRO B 123 37.04 -21.89 -19.72
C PRO B 123 36.75 -20.61 -18.92
N TRP B 124 35.75 -20.63 -18.03
CA TRP B 124 35.42 -19.50 -17.22
C TRP B 124 35.58 -19.79 -15.73
N PRO B 125 36.80 -19.60 -15.20
CA PRO B 125 37.09 -19.88 -13.78
C PRO B 125 36.28 -19.01 -12.85
N GLN B 126 35.86 -17.85 -13.37
CA GLN B 126 34.87 -16.97 -12.71
C GLN B 126 33.70 -17.82 -12.17
N ILE B 127 33.32 -18.87 -12.91
CA ILE B 127 32.35 -19.86 -12.42
C ILE B 127 33.14 -20.90 -11.57
N LYS B 128 33.05 -20.78 -10.25
CA LYS B 128 33.96 -21.49 -9.34
C LYS B 128 33.43 -22.85 -8.89
N ALA B 129 32.12 -23.04 -8.88
CA ALA B 129 31.57 -24.37 -8.69
C ALA B 129 30.53 -24.66 -9.76
N VAL B 130 30.41 -25.94 -10.08
CA VAL B 130 29.37 -26.51 -10.91
C VAL B 130 28.80 -27.66 -10.13
N VAL B 131 27.50 -27.60 -9.86
CA VAL B 131 26.82 -28.56 -8.98
C VAL B 131 25.58 -29.16 -9.62
N LEU B 132 25.23 -30.35 -9.19
CA LEU B 132 24.02 -31.00 -9.63
C LEU B 132 22.94 -30.81 -8.55
N LYS B 133 21.83 -30.19 -8.94
CA LYS B 133 20.61 -30.21 -8.12
C LYS B 133 19.56 -31.21 -8.66
N ALA B 134 19.96 -32.50 -8.63
CA ALA B 134 19.07 -33.63 -8.82
C ALA B 134 19.55 -34.82 -7.97
N GLU B 135 18.83 -35.95 -8.03
CA GLU B 135 19.08 -37.07 -7.11
C GLU B 135 20.30 -37.81 -7.59
N ASN B 136 20.25 -38.15 -8.89
CA ASN B 136 21.33 -38.78 -9.54
C ASN B 136 21.90 -37.94 -10.70
N ASN B 137 22.96 -38.50 -11.29
CA ASN B 137 23.88 -37.87 -12.20
C ASN B 137 24.09 -38.78 -13.39
N PRO B 138 23.10 -38.86 -14.31
CA PRO B 138 23.15 -39.87 -15.37
C PRO B 138 24.14 -39.61 -16.49
N ALA B 139 24.66 -40.71 -17.05
CA ALA B 139 25.49 -40.67 -18.23
C ALA B 139 24.63 -40.20 -19.38
N LEU B 140 25.23 -39.47 -20.32
CA LEU B 140 24.57 -38.87 -21.47
C LEU B 140 24.72 -39.71 -22.73
N GLY B 141 23.80 -39.54 -23.69
CA GLY B 141 23.91 -40.14 -25.02
C GLY B 141 24.68 -39.25 -25.97
N LYS B 142 24.65 -39.55 -27.28
CA LYS B 142 25.34 -38.67 -28.25
C LYS B 142 24.48 -37.43 -28.36
N ILE B 143 25.03 -36.29 -28.01
CA ILE B 143 24.37 -35.02 -28.25
C ILE B 143 25.21 -34.35 -29.32
N ASP B 144 24.62 -33.96 -30.43
CA ASP B 144 25.38 -33.20 -31.44
C ASP B 144 25.33 -31.72 -31.12
N ILE B 145 26.50 -31.08 -31.23
CA ILE B 145 26.59 -29.63 -31.11
C ILE B 145 26.93 -29.02 -32.50
N GLU B 146 26.03 -28.18 -33.02
CA GLU B 146 26.18 -27.60 -34.35
C GLU B 146 27.12 -26.41 -34.30
N PRO B 147 27.97 -26.26 -35.34
CA PRO B 147 28.67 -24.97 -35.55
C PRO B 147 27.79 -23.77 -35.25
N GLY B 148 28.37 -22.77 -34.59
CA GLY B 148 27.65 -21.56 -34.22
C GLY B 148 26.92 -21.64 -32.87
N GLU B 149 26.50 -22.85 -32.46
CA GLU B 149 25.78 -23.00 -31.18
C GLU B 149 26.58 -22.40 -30.05
N THR B 150 25.88 -21.77 -29.11
CA THR B 150 26.59 -21.17 -27.97
C THR B 150 26.81 -22.25 -26.92
N VAL B 151 27.66 -21.92 -25.95
CA VAL B 151 27.86 -22.77 -24.81
C VAL B 151 26.56 -22.99 -24.03
N TRP B 152 25.69 -21.97 -23.93
CA TRP B 152 24.48 -22.09 -23.15
C TRP B 152 23.50 -23.00 -23.87
N GLN B 153 23.42 -22.84 -25.18
CA GLN B 153 22.58 -23.71 -25.99
C GLN B 153 22.97 -25.16 -25.85
N ALA B 154 24.27 -25.41 -25.92
CA ALA B 154 24.80 -26.75 -25.74
C ALA B 154 24.49 -27.30 -24.36
N LEU B 155 24.76 -26.51 -23.31
CA LEU B 155 24.47 -26.90 -21.97
C LEU B 155 22.97 -27.22 -21.75
N THR B 156 22.13 -26.37 -22.33
CA THR B 156 20.66 -26.55 -22.26
C THR B 156 20.23 -27.87 -22.91
N HIS B 157 20.73 -28.16 -24.12
CA HIS B 157 20.42 -29.39 -24.80
C HIS B 157 20.86 -30.63 -23.98
N ILE B 158 22.10 -30.61 -23.49
CA ILE B 158 22.63 -31.63 -22.64
C ILE B 158 21.76 -31.89 -21.40
N ALA B 159 21.59 -30.86 -20.59
CA ALA B 159 20.76 -30.91 -19.42
C ALA B 159 19.36 -31.37 -19.80
N ASN B 160 18.76 -30.77 -20.83
CA ASN B 160 17.36 -31.08 -21.15
C ASN B 160 17.26 -32.55 -21.54
N SER B 161 18.28 -33.09 -22.23
CA SER B 161 18.28 -34.50 -22.66
C SER B 161 18.02 -35.47 -21.55
N VAL B 162 18.40 -35.16 -20.31
CA VAL B 162 18.09 -36.00 -19.15
C VAL B 162 17.08 -35.33 -18.21
N GLY B 163 16.14 -34.54 -18.74
CA GLY B 163 15.11 -33.94 -17.90
C GLY B 163 15.53 -32.82 -16.95
N LEU B 164 16.69 -32.20 -17.22
CA LEU B 164 17.17 -31.16 -16.32
C LEU B 164 17.36 -29.86 -17.07
N HIS B 165 17.83 -28.84 -16.34
CA HIS B 165 17.98 -27.49 -16.84
C HIS B 165 19.13 -26.76 -16.14
N PRO B 166 19.82 -25.86 -16.87
CA PRO B 166 20.88 -25.03 -16.30
C PRO B 166 20.50 -23.65 -15.80
N TRP B 167 21.16 -23.24 -14.74
CA TRP B 167 21.03 -21.89 -14.21
C TRP B 167 22.14 -21.57 -13.24
N LEU B 168 22.37 -20.29 -13.11
CA LEU B 168 23.31 -19.73 -12.18
C LEU B 168 22.57 -19.39 -10.93
N GLU B 169 23.15 -19.78 -9.80
CA GLU B 169 22.69 -19.39 -8.48
C GLU B 169 23.28 -18.06 -8.09
N PRO B 170 22.71 -17.41 -7.06
CA PRO B 170 23.22 -16.12 -6.62
C PRO B 170 24.74 -15.97 -6.37
N ASP B 171 25.42 -17.00 -5.83
CA ASP B 171 26.88 -16.93 -5.57
C ASP B 171 27.74 -17.27 -6.78
N GLY B 172 27.11 -17.49 -7.95
CA GLY B 172 27.84 -17.73 -9.19
C GLY B 172 28.06 -19.20 -9.49
N THR B 173 27.41 -20.08 -8.74
CA THR B 173 27.55 -21.51 -8.94
C THR B 173 26.64 -21.83 -10.10
N LEU B 174 27.12 -22.62 -11.03
CA LEU B 174 26.32 -23.12 -12.13
C LEU B 174 25.65 -24.39 -11.69
N VAL B 175 24.34 -24.46 -11.88
CA VAL B 175 23.69 -25.72 -11.61
C VAL B 175 23.04 -26.33 -12.82
N VAL B 176 23.08 -27.66 -12.85
CA VAL B 176 22.24 -28.42 -13.71
C VAL B 176 21.37 -29.24 -12.77
N GLY B 177 20.06 -29.19 -12.98
CA GLY B 177 19.11 -29.61 -11.96
C GLY B 177 17.63 -29.43 -12.31
N GLY B 178 16.80 -29.55 -11.28
CA GLY B 178 15.39 -29.31 -11.40
C GLY B 178 14.80 -28.93 -10.07
N ALA B 179 13.50 -28.80 -10.02
CA ALA B 179 12.82 -28.35 -8.84
C ALA B 179 12.68 -29.42 -7.73
N ASP B 180 12.81 -29.02 -6.48
CA ASP B 180 12.51 -29.85 -5.34
C ASP B 180 11.17 -29.40 -4.84
N TYR B 181 10.18 -30.25 -5.02
CA TYR B 181 8.84 -29.94 -4.66
C TYR B 181 8.57 -30.49 -3.28
N SER B 182 9.60 -30.97 -2.65
CA SER B 182 9.48 -31.49 -1.33
C SER B 182 9.55 -30.39 -0.30
N SER B 183 10.32 -29.35 -0.58
CA SER B 183 10.43 -28.30 0.42
C SER B 183 9.12 -27.57 0.57
N PRO B 184 8.70 -27.40 1.80
CA PRO B 184 7.36 -26.85 2.05
C PRO B 184 7.29 -25.39 1.68
N PRO B 185 6.12 -24.91 1.26
CA PRO B 185 5.98 -23.51 0.90
C PRO B 185 6.57 -22.62 1.98
N VAL B 186 7.19 -21.53 1.57
CA VAL B 186 8.06 -20.75 2.44
C VAL B 186 7.43 -19.37 2.79
N ALA B 187 6.23 -19.14 2.28
CA ALA B 187 5.47 -17.95 2.57
C ALA B 187 4.06 -18.24 2.11
N THR B 188 3.11 -17.52 2.71
CA THR B 188 1.73 -17.50 2.25
C THR B 188 1.45 -16.06 1.89
N LEU B 189 0.81 -15.86 0.75
CA LEU B 189 0.46 -14.53 0.31
C LEU B 189 -1.02 -14.47 0.06
N CYS B 190 -1.66 -13.41 0.54
CA CYS B 190 -3.08 -13.25 0.34
C CYS B 190 -3.45 -11.91 -0.26
N TRP B 191 -4.58 -11.92 -0.93
CA TRP B 191 -5.25 -10.74 -1.44
C TRP B 191 -6.47 -10.42 -0.57
N SER B 192 -6.66 -9.14 -0.28
CA SER B 192 -7.85 -8.70 0.45
C SER B 192 -7.87 -7.22 0.26
N ARG B 193 -9.03 -6.72 -0.15
CA ARG B 193 -9.37 -5.31 -0.12
C ARG B 193 -9.78 -4.86 1.32
N THR B 194 -10.14 -5.82 2.17
CA THR B 194 -10.29 -5.54 3.60
C THR B 194 -9.00 -5.73 4.36
N ASP B 195 -8.80 -6.95 4.87
CA ASP B 195 -7.67 -7.41 5.69
C ASP B 195 -6.29 -6.83 5.38
N SER B 196 -5.80 -5.98 6.22
CA SER B 196 -4.53 -5.33 5.94
C SER B 196 -3.29 -6.22 6.17
N ARG B 197 -3.42 -7.34 6.88
CA ARG B 197 -2.35 -8.38 6.92
C ARG B 197 -1.93 -8.84 5.50
N CYS B 198 -2.74 -8.57 4.49
CA CYS B 198 -2.51 -9.07 3.12
C CYS B 198 -1.54 -8.19 2.32
N ASN B 199 -0.65 -8.89 1.65
CA ASN B 199 0.64 -8.42 1.20
C ASN B 199 0.64 -8.04 -0.31
N ILE B 200 -0.29 -8.65 -1.05
CA ILE B 200 -0.31 -8.57 -2.49
C ILE B 200 -0.84 -7.20 -2.92
N GLU B 201 -0.02 -6.45 -3.67
CA GLU B 201 -0.34 -5.15 -4.20
C GLU B 201 -0.95 -5.23 -5.58
N ARG B 202 -0.47 -6.19 -6.36
CA ARG B 202 -1.02 -6.39 -7.66
C ARG B 202 -0.99 -7.87 -8.02
N MET B 203 -1.99 -8.28 -8.80
CA MET B 203 -2.09 -9.67 -9.28
C MET B 203 -2.54 -9.76 -10.74
N ASP B 204 -1.73 -10.47 -11.54
CA ASP B 204 -2.00 -10.67 -12.98
C ASP B 204 -2.00 -12.13 -13.29
N ILE B 205 -3.10 -12.60 -13.84
CA ILE B 205 -3.24 -13.98 -14.18
C ILE B 205 -3.38 -14.09 -15.72
N GLU B 206 -2.57 -14.95 -16.32
CA GLU B 206 -2.58 -15.19 -17.77
C GLU B 206 -2.75 -16.67 -18.10
N TRP B 207 -3.72 -16.91 -18.96
CA TRP B 207 -3.96 -18.20 -19.55
C TRP B 207 -3.79 -18.01 -21.06
N ASP B 208 -3.08 -18.94 -21.68
CA ASP B 208 -2.74 -18.87 -23.09
C ASP B 208 -2.87 -20.30 -23.62
N THR B 209 -3.53 -20.44 -24.77
CA THR B 209 -3.71 -21.74 -25.38
C THR B 209 -2.78 -22.04 -26.55
N ASP B 210 -1.84 -21.15 -26.90
CA ASP B 210 -1.12 -21.34 -28.17
C ASP B 210 -0.27 -22.62 -28.29
N ASN B 211 0.09 -23.23 -27.15
CA ASN B 211 0.84 -24.47 -27.18
C ASN B 211 0.06 -25.62 -26.53
N ARG B 212 -1.26 -25.55 -26.56
CA ARG B 212 -2.00 -26.75 -26.24
C ARG B 212 -2.45 -27.42 -27.51
N PHE B 213 -2.10 -28.69 -27.61
CA PHE B 213 -2.29 -29.46 -28.81
C PHE B 213 -3.20 -30.60 -28.48
N SER B 214 -3.90 -31.05 -29.50
CA SER B 214 -4.90 -32.12 -29.37
C SER B 214 -4.19 -33.47 -29.51
N GLU B 215 -3.19 -33.52 -30.39
CA GLU B 215 -2.34 -34.66 -30.56
C GLU B 215 -0.95 -34.23 -30.97
N VAL B 216 0.06 -34.83 -30.36
CA VAL B 216 1.45 -34.52 -30.65
C VAL B 216 2.21 -35.84 -30.95
N THR B 217 2.76 -35.92 -32.17
CA THR B 217 3.56 -37.03 -32.62
C THR B 217 5.04 -36.67 -32.56
N PHE B 218 5.76 -37.41 -31.73
CA PHE B 218 7.18 -37.14 -31.49
C PHE B 218 8.05 -38.15 -32.23
N LEU B 219 9.06 -37.65 -32.96
CA LEU B 219 9.88 -38.48 -33.87
C LEU B 219 11.40 -38.32 -33.60
N LEU B 234 11.28 -45.63 -33.17
CA LEU B 234 11.34 -44.37 -32.42
C LEU B 234 10.18 -43.42 -32.80
N LYS B 235 8.98 -43.73 -32.30
CA LYS B 235 7.79 -42.87 -32.42
C LYS B 235 6.82 -43.04 -31.24
N TRP B 236 6.46 -41.93 -30.57
CA TRP B 236 5.39 -41.94 -29.54
C TRP B 236 4.38 -40.83 -29.82
N VAL B 237 3.10 -41.18 -29.78
CA VAL B 237 2.02 -40.21 -29.93
C VAL B 237 1.35 -39.89 -28.59
N TYR B 238 1.23 -38.59 -28.30
CA TYR B 238 0.43 -38.09 -27.17
C TYR B 238 -0.88 -37.54 -27.70
N LYS B 239 -1.97 -37.83 -26.98
CA LYS B 239 -3.30 -37.38 -27.30
C LYS B 239 -3.89 -36.76 -26.05
N ASP B 240 -4.51 -35.59 -26.21
CA ASP B 240 -5.10 -34.84 -25.13
C ASP B 240 -6.56 -35.20 -25.19
N PRO B 241 -7.14 -35.70 -24.06
CA PRO B 241 -8.50 -36.25 -24.14
C PRO B 241 -9.63 -35.21 -24.11
N THR B 242 -9.44 -34.12 -23.36
CA THR B 242 -10.44 -33.05 -23.26
C THR B 242 -10.40 -32.03 -24.43
N MET B 243 -9.24 -31.89 -25.09
CA MET B 243 -9.12 -31.11 -26.33
C MET B 243 -10.16 -31.60 -27.32
N THR B 244 -11.15 -30.76 -27.61
CA THR B 244 -12.15 -31.02 -28.66
C THR B 244 -11.67 -30.52 -30.05
N LEU B 245 -10.83 -29.49 -30.07
CA LEU B 245 -10.40 -28.84 -31.31
C LEU B 245 -9.21 -29.57 -31.92
N HIS B 246 -9.10 -29.50 -33.25
CA HIS B 246 -8.02 -30.16 -33.97
C HIS B 246 -6.77 -29.27 -33.99
N ARG B 247 -5.72 -29.69 -33.29
CA ARG B 247 -4.46 -28.96 -33.31
C ARG B 247 -3.30 -29.92 -33.23
N PRO B 248 -3.05 -30.68 -34.32
CA PRO B 248 -2.01 -31.70 -34.31
C PRO B 248 -0.64 -31.06 -34.39
N LYS B 249 0.36 -31.74 -33.84
CA LYS B 249 1.72 -31.27 -33.97
C LYS B 249 2.64 -32.46 -34.11
N THR B 250 3.76 -32.26 -34.78
CA THR B 250 4.78 -33.28 -34.91
C THR B 250 6.11 -32.68 -34.52
N VAL B 251 6.90 -33.42 -33.77
CA VAL B 251 8.19 -32.92 -33.28
C VAL B 251 9.30 -33.93 -33.56
N VAL B 252 10.44 -33.42 -34.05
CA VAL B 252 11.68 -34.17 -34.17
C VAL B 252 12.53 -33.95 -32.88
N VAL B 253 12.59 -34.98 -32.03
CA VAL B 253 13.36 -34.94 -30.78
C VAL B 253 14.89 -35.08 -31.02
N ASP B 257 18.04 -41.63 -28.93
CA ASP B 257 18.56 -42.89 -29.48
C ASP B 257 17.61 -44.03 -29.14
N ASN B 258 17.35 -44.21 -27.85
CA ASN B 258 16.38 -45.19 -27.34
C ASN B 258 14.96 -44.61 -27.36
N LEU B 259 13.96 -45.49 -27.37
CA LEU B 259 12.56 -45.10 -27.17
C LEU B 259 12.31 -44.59 -25.74
N ALA B 260 12.93 -45.22 -24.74
CA ALA B 260 12.94 -44.67 -23.38
C ALA B 260 13.39 -43.20 -23.38
N ALA B 261 14.40 -42.90 -24.21
CA ALA B 261 14.90 -41.53 -24.40
C ALA B 261 13.89 -40.61 -25.12
N LEU B 262 12.96 -41.20 -25.88
CA LEU B 262 11.89 -40.46 -26.55
C LEU B 262 10.82 -39.95 -25.58
N GLN B 263 10.04 -40.86 -24.99
CA GLN B 263 9.01 -40.47 -24.00
C GLN B 263 9.56 -39.60 -22.86
N LYS B 264 10.78 -39.86 -22.41
CA LYS B 264 11.46 -39.00 -21.43
C LYS B 264 11.45 -37.55 -21.92
N GLN B 265 12.01 -37.36 -23.12
CA GLN B 265 12.19 -36.03 -23.68
C GLN B 265 10.85 -35.47 -24.19
N ALA B 266 9.98 -36.33 -24.69
CA ALA B 266 8.66 -35.87 -25.10
C ALA B 266 7.74 -35.37 -23.99
N LYS B 267 7.80 -36.06 -22.85
CA LYS B 267 6.98 -35.73 -21.72
C LYS B 267 7.44 -34.43 -21.10
N LYS B 268 8.70 -34.16 -21.26
CA LYS B 268 9.31 -32.91 -20.79
C LYS B 268 8.87 -31.73 -21.68
N GLN B 269 8.82 -31.97 -23.00
CA GLN B 269 8.25 -30.97 -23.91
C GLN B 269 6.80 -30.64 -23.60
N LEU B 270 5.98 -31.67 -23.38
CA LEU B 270 4.59 -31.50 -22.92
C LEU B 270 4.48 -30.66 -21.64
N ALA B 271 5.34 -30.95 -20.67
CA ALA B 271 5.37 -30.25 -19.38
C ALA B 271 5.73 -28.77 -19.55
N ASP B 272 6.72 -28.52 -20.41
CA ASP B 272 7.14 -27.17 -20.70
C ASP B 272 6.06 -26.35 -21.39
N TRP B 273 5.31 -26.95 -22.30
CA TRP B 273 4.17 -26.30 -22.94
C TRP B 273 3.04 -26.02 -21.96
N ARG B 274 2.80 -26.97 -21.05
CA ARG B 274 1.76 -26.83 -20.02
C ARG B 274 2.08 -25.60 -19.17
N LEU B 275 3.35 -25.46 -18.80
CA LEU B 275 3.83 -24.31 -18.03
C LEU B 275 3.65 -22.98 -18.77
N GLU B 276 3.88 -22.98 -20.07
CA GLU B 276 3.69 -21.76 -20.85
C GLU B 276 2.26 -21.28 -20.85
N GLY B 277 1.32 -22.17 -20.60
CA GLY B 277 -0.11 -21.89 -20.69
C GLY B 277 -0.70 -21.14 -19.52
N PHE B 278 0.06 -21.00 -18.42
CA PHE B 278 -0.45 -20.30 -17.26
C PHE B 278 0.66 -19.60 -16.50
N THR B 279 0.43 -18.34 -16.22
CA THR B 279 1.31 -17.55 -15.35
C THR B 279 0.49 -16.70 -14.39
N LEU B 280 0.91 -16.76 -13.12
CA LEU B 280 0.43 -15.94 -12.03
C LEU B 280 1.53 -14.98 -11.62
N THR B 281 1.32 -13.73 -11.92
CA THR B 281 2.28 -12.69 -11.57
C THR B 281 1.73 -11.85 -10.39
N ILE B 282 2.44 -11.92 -9.27
CA ILE B 282 2.11 -11.20 -8.03
C ILE B 282 3.19 -10.18 -7.71
N THR B 283 2.78 -8.94 -7.47
CA THR B 283 3.63 -7.88 -7.01
C THR B 283 3.34 -7.65 -5.52
N VAL B 284 4.42 -7.75 -4.73
CA VAL B 284 4.41 -7.52 -3.29
C VAL B 284 5.31 -6.36 -2.98
N GLY B 285 5.07 -5.71 -1.84
CA GLY B 285 5.98 -4.66 -1.40
C GLY B 285 7.16 -5.27 -0.71
N GLY B 286 8.30 -4.58 -0.71
CA GLY B 286 9.49 -5.13 -0.09
C GLY B 286 10.23 -6.22 -0.92
N HIS B 287 11.21 -6.88 -0.31
CA HIS B 287 12.08 -7.87 -0.98
C HIS B 287 12.20 -9.22 -0.26
N LYS B 288 11.51 -9.36 0.86
CA LYS B 288 11.69 -10.48 1.76
C LYS B 288 10.36 -11.05 2.15
N THR B 289 10.33 -12.34 2.41
CA THR B 289 9.13 -12.96 2.94
C THR B 289 8.82 -12.42 4.38
N ARG B 290 7.62 -12.74 4.88
CA ARG B 290 7.19 -12.30 6.22
C ARG B 290 7.99 -12.96 7.31
N ASP B 291 8.93 -13.84 6.95
CA ASP B 291 9.97 -14.40 7.84
C ASP B 291 11.44 -14.05 7.45
N GLY B 292 11.67 -13.11 6.54
CA GLY B 292 13.03 -12.61 6.26
C GLY B 292 13.85 -13.26 5.14
N VAL B 293 13.23 -14.19 4.42
CA VAL B 293 13.90 -14.82 3.24
C VAL B 293 13.70 -13.98 1.94
N LEU B 294 14.81 -13.58 1.30
CA LEU B 294 14.77 -12.89 0.01
C LEU B 294 14.11 -13.80 -1.02
N TRP B 295 13.11 -13.29 -1.74
CA TRP B 295 12.45 -14.06 -2.80
C TRP B 295 13.50 -14.57 -3.76
N GLN B 296 13.43 -15.84 -4.12
CA GLN B 296 14.39 -16.46 -5.03
C GLN B 296 13.65 -17.51 -5.82
N PRO B 297 13.89 -17.60 -7.16
CA PRO B 297 13.33 -18.73 -7.93
C PRO B 297 13.63 -20.06 -7.28
N GLY B 298 12.67 -20.98 -7.32
CA GLY B 298 12.82 -22.27 -6.66
C GLY B 298 11.94 -22.52 -5.44
N LEU B 299 11.52 -21.45 -4.79
CA LEU B 299 10.61 -21.51 -3.62
C LEU B 299 9.19 -21.80 -4.07
N ARG B 300 8.46 -22.50 -3.21
CA ARG B 300 7.03 -22.65 -3.35
C ARG B 300 6.28 -21.67 -2.42
N VAL B 301 5.13 -21.21 -2.89
CA VAL B 301 4.42 -20.09 -2.30
C VAL B 301 2.94 -20.46 -2.31
N HIS B 302 2.34 -20.46 -1.13
CA HIS B 302 0.90 -20.62 -0.94
C HIS B 302 0.19 -19.31 -1.26
N VAL B 303 -0.77 -19.33 -2.18
CA VAL B 303 -1.51 -18.11 -2.52
C VAL B 303 -3.01 -18.28 -2.19
N ILE B 304 -3.54 -17.30 -1.46
CA ILE B 304 -4.96 -17.26 -1.11
C ILE B 304 -5.57 -15.98 -1.61
N ASP B 305 -6.57 -16.12 -2.45
CA ASP B 305 -7.31 -14.99 -2.92
C ASP B 305 -8.75 -15.40 -2.76
N ASP B 306 -9.28 -15.14 -1.55
CA ASP B 306 -10.65 -15.56 -1.17
C ASP B 306 -11.65 -14.97 -2.19
N GLU B 307 -11.29 -13.83 -2.77
CA GLU B 307 -12.13 -13.12 -3.75
C GLU B 307 -12.19 -13.79 -5.14
N HIS B 308 -11.07 -14.32 -5.63
CA HIS B 308 -11.00 -15.00 -6.93
C HIS B 308 -11.20 -16.48 -6.71
N GLY B 309 -11.25 -16.91 -5.45
CA GLY B 309 -11.41 -18.32 -5.12
C GLY B 309 -10.15 -19.15 -5.35
N ILE B 310 -8.99 -18.57 -5.06
CA ILE B 310 -7.73 -19.29 -5.20
C ILE B 310 -7.22 -19.68 -3.83
N ASP B 311 -6.87 -20.95 -3.70
CA ASP B 311 -6.10 -21.45 -2.56
C ASP B 311 -5.21 -22.61 -2.99
N ALA B 312 -3.97 -22.28 -3.39
CA ALA B 312 -3.08 -23.29 -3.91
C ALA B 312 -1.62 -22.94 -3.70
N VAL B 313 -0.77 -23.93 -3.90
CA VAL B 313 0.67 -23.74 -3.91
C VAL B 313 1.14 -23.60 -5.32
N PHE B 314 1.98 -22.59 -5.54
CA PHE B 314 2.64 -22.33 -6.83
C PHE B 314 4.17 -22.33 -6.66
N PHE B 315 4.83 -22.48 -7.80
CA PHE B 315 6.25 -22.65 -7.85
C PHE B 315 6.83 -21.31 -8.42
N LEU B 316 7.80 -20.71 -7.75
CA LEU B 316 8.34 -19.43 -8.22
C LEU B 316 9.38 -19.71 -9.30
N MET B 317 9.13 -19.27 -10.54
CA MET B 317 10.04 -19.55 -11.67
C MET B 317 10.92 -18.36 -12.01
N GLY B 318 10.45 -17.17 -11.66
CA GLY B 318 11.10 -15.90 -11.96
C GLY B 318 10.77 -14.86 -10.91
N ARG B 319 11.69 -13.92 -10.71
CA ARG B 319 11.60 -13.01 -9.56
C ARG B 319 12.37 -11.76 -9.97
N ARG B 320 11.68 -10.62 -9.80
CA ARG B 320 12.27 -9.35 -10.10
C ARG B 320 12.17 -8.43 -8.87
N PHE B 321 13.35 -8.11 -8.31
CA PHE B 321 13.47 -7.05 -7.30
C PHE B 321 13.45 -5.70 -7.99
N MET B 322 12.59 -4.83 -7.50
CA MET B 322 12.39 -3.54 -8.11
C MET B 322 12.41 -2.41 -7.03
N LEU B 323 12.99 -1.29 -7.40
CA LEU B 323 12.86 -0.05 -6.68
C LEU B 323 12.51 0.98 -7.69
N SER B 324 11.43 1.74 -7.45
CA SER B 324 11.04 2.92 -8.27
C SER B 324 10.74 4.14 -7.37
N ARG B 325 10.90 5.33 -7.91
CA ARG B 325 10.44 6.53 -7.17
C ARG B 325 8.97 6.42 -6.81
N MET B 326 8.13 6.02 -7.76
CA MET B 326 6.69 5.97 -7.55
C MET B 326 6.21 4.86 -6.64
N ASP B 327 6.79 3.66 -6.73
CA ASP B 327 6.31 2.57 -5.87
C ASP B 327 7.28 2.06 -4.82
N GLY B 328 8.46 2.67 -4.66
CA GLY B 328 9.40 2.17 -3.64
C GLY B 328 9.85 0.75 -3.98
N THR B 329 10.18 -0.01 -2.96
CA THR B 329 10.72 -1.35 -3.17
C THR B 329 9.58 -2.38 -3.27
N GLN B 330 9.68 -3.22 -4.30
CA GLN B 330 8.74 -4.29 -4.52
C GLN B 330 9.43 -5.53 -5.11
N THR B 331 8.69 -6.63 -5.16
CA THR B 331 9.11 -7.83 -5.84
C THR B 331 7.96 -8.26 -6.74
N GLU B 332 8.29 -8.45 -8.02
CA GLU B 332 7.43 -9.21 -8.92
C GLU B 332 7.78 -10.69 -8.85
N LEU B 333 6.74 -11.50 -8.61
CA LEU B 333 6.85 -12.92 -8.43
C LEU B 333 6.11 -13.65 -9.57
N ARG B 334 6.86 -14.35 -10.42
CA ARG B 334 6.29 -15.02 -11.59
C ARG B 334 6.19 -16.49 -11.21
N LEU B 335 4.94 -16.84 -10.90
CA LEU B 335 4.59 -18.07 -10.27
C LEU B 335 3.94 -18.98 -11.29
N LYS B 336 4.27 -20.25 -11.17
CA LYS B 336 3.73 -21.28 -12.08
C LYS B 336 2.99 -22.37 -11.32
N GLU B 337 2.24 -23.18 -12.08
CA GLU B 337 1.64 -24.40 -11.57
C GLU B 337 2.67 -25.28 -10.87
N ASP B 338 2.30 -25.75 -9.67
CA ASP B 338 3.21 -26.55 -8.85
C ASP B 338 3.44 -27.95 -9.44
N GLY B 339 4.62 -28.50 -9.21
CA GLY B 339 4.92 -29.86 -9.63
C GLY B 339 5.17 -30.15 -11.12
N ILE B 340 5.05 -29.17 -12.02
CA ILE B 340 5.14 -29.46 -13.47
C ILE B 340 6.59 -29.44 -14.04
N TRP B 341 7.37 -28.43 -13.71
CA TRP B 341 8.69 -28.26 -14.26
C TRP B 341 9.65 -29.29 -13.71
N THR B 342 10.51 -29.78 -14.59
CA THR B 342 11.60 -30.74 -14.29
C THR B 342 11.25 -31.78 -13.21
N PRO B 343 10.22 -32.56 -13.49
CA PRO B 343 9.78 -33.55 -12.55
C PRO B 343 10.75 -34.75 -12.41
N ASP B 344 11.68 -34.94 -13.34
CA ASP B 344 12.71 -35.99 -13.15
C ASP B 344 13.75 -35.62 -12.06
N ALA B 345 14.09 -34.33 -11.88
CA ALA B 345 15.20 -33.98 -11.00
C ALA B 345 15.16 -34.69 -9.64
N TYR B 346 14.00 -34.62 -9.01
CA TYR B 346 13.77 -35.21 -7.70
C TYR B 346 12.33 -35.75 -7.67
N PRO B 347 12.13 -36.99 -8.15
CA PRO B 347 10.75 -37.52 -8.22
C PRO B 347 10.08 -37.67 -6.83
#